data_1Q9B
# 
_entry.id   1Q9B 
# 
_audit_conform.dict_name       mmcif_pdbx.dic 
_audit_conform.dict_version    5.399 
_audit_conform.dict_location   http://mmcif.pdb.org/dictionaries/ascii/mmcif_pdbx.dic 
# 
loop_
_database_2.database_id 
_database_2.database_code 
_database_2.pdbx_database_accession 
_database_2.pdbx_DOI 
PDB   1Q9B         pdb_00001q9b 10.2210/pdb1q9b/pdb 
RCSB  RCSB020078   ?            ?                   
WWPDB D_1000020078 ?            ?                   
# 
loop_
_pdbx_audit_revision_history.ordinal 
_pdbx_audit_revision_history.data_content_type 
_pdbx_audit_revision_history.major_revision 
_pdbx_audit_revision_history.minor_revision 
_pdbx_audit_revision_history.revision_date 
1 'Structure model' 1 0 2004-01-13 
2 'Structure model' 1 1 2008-04-29 
3 'Structure model' 1 2 2011-07-13 
4 'Structure model' 1 3 2017-10-11 
5 'Structure model' 1 4 2019-07-24 
6 'Structure model' 1 5 2023-08-16 
7 'Structure model' 1 6 2024-11-20 
# 
_pdbx_audit_revision_details.ordinal             1 
_pdbx_audit_revision_details.revision_ordinal    1 
_pdbx_audit_revision_details.data_content_type   'Structure model' 
_pdbx_audit_revision_details.provider            repository 
_pdbx_audit_revision_details.type                'Initial release' 
_pdbx_audit_revision_details.description         ? 
_pdbx_audit_revision_details.details             ? 
# 
loop_
_pdbx_audit_revision_group.ordinal 
_pdbx_audit_revision_group.revision_ordinal 
_pdbx_audit_revision_group.data_content_type 
_pdbx_audit_revision_group.group 
1  2 'Structure model' 'Version format compliance' 
2  3 'Structure model' 'Version format compliance' 
3  4 'Structure model' 'Refinement description'    
4  5 'Structure model' 'Data collection'           
5  5 'Structure model' 'Refinement description'    
6  6 'Structure model' 'Data collection'           
7  6 'Structure model' 'Database references'       
8  6 'Structure model' 'Derived calculations'      
9  6 'Structure model' 'Refinement description'    
10 7 'Structure model' 'Structure summary'         
# 
loop_
_pdbx_audit_revision_category.ordinal 
_pdbx_audit_revision_category.revision_ordinal 
_pdbx_audit_revision_category.data_content_type 
_pdbx_audit_revision_category.category 
1 4 'Structure model' software                      
2 5 'Structure model' software                      
3 6 'Structure model' chem_comp_atom                
4 6 'Structure model' chem_comp_bond                
5 6 'Structure model' database_2                    
6 6 'Structure model' pdbx_initial_refinement_model 
7 6 'Structure model' struct_site                   
8 7 'Structure model' pdbx_entry_details            
9 7 'Structure model' pdbx_modification_feature     
# 
loop_
_pdbx_audit_revision_item.ordinal 
_pdbx_audit_revision_item.revision_ordinal 
_pdbx_audit_revision_item.data_content_type 
_pdbx_audit_revision_item.item 
1 4 'Structure model' '_software.name'                      
2 5 'Structure model' '_software.classification'            
3 5 'Structure model' '_software.name'                      
4 6 'Structure model' '_database_2.pdbx_DOI'                
5 6 'Structure model' '_database_2.pdbx_database_accession' 
6 6 'Structure model' '_struct_site.pdbx_auth_asym_id'      
7 6 'Structure model' '_struct_site.pdbx_auth_comp_id'      
8 6 'Structure model' '_struct_site.pdbx_auth_seq_id'       
# 
_pdbx_database_status.status_code                     REL 
_pdbx_database_status.entry_id                        1Q9B 
_pdbx_database_status.recvd_initial_deposition_date   2003-08-22 
_pdbx_database_status.deposit_site                    RCSB 
_pdbx_database_status.process_site                    RCSB 
_pdbx_database_status.status_code_sf                  REL 
_pdbx_database_status.SG_entry                        . 
_pdbx_database_status.pdb_format_compatible           Y 
_pdbx_database_status.status_code_mr                  ? 
_pdbx_database_status.status_code_cs                  ? 
_pdbx_database_status.methods_development_category    ? 
_pdbx_database_status.status_code_nmr_data            ? 
# 
loop_
_audit_author.name 
_audit_author.pdbx_ordinal 
'Rodriguez-Romero, A.'  1 
'Hernandez-Santoyo, A.' 2 
# 
loop_
_citation.id 
_citation.title 
_citation.journal_abbrev 
_citation.journal_volume 
_citation.page_first 
_citation.page_last 
_citation.year 
_citation.journal_id_ASTM 
_citation.country 
_citation.journal_id_ISSN 
_citation.journal_id_CSD 
_citation.book_publisher 
_citation.pdbx_database_id_PubMed 
_citation.pdbx_database_id_DOI 
primary 'Insights into a conformational epitope of Hev b 6.02 (hevein).' Biochem.Biophys.Res.Commun. 314 123 130 2004 BBRCA9 US 
0006-291X 0146 ? 14715255 10.1016/j.bbrc.2003.12.068     
1       'Crystal Structure of Hevein at 2.8 A Resolution'                'FEBS Lett.'                291 307 ?   1991 FEBLAL NE 
0014-5793 0165 ? ?        '10.1016/0014-5793(91)81308-U' 
# 
loop_
_citation_author.citation_id 
_citation_author.name 
_citation_author.ordinal 
_citation_author.identifier_ORCID 
primary 'Reyes-Lopez, C.A.'     1 ? 
primary 'Hernandez-Santoyo, A.' 2 ? 
primary 'Pedraza-Escalona, M.'  3 ? 
primary 'Mendoza, G.'           4 ? 
primary 'Hernandez-Arana, A.'   5 ? 
primary 'Rodriguez-Romero, A.'  6 ? 
1       'Rodriguez-Romero, A.'  7 ? 
1       'Ravichandran, K.G.'    8 ? 
1       'Soriano-Garcia, M.'    9 ? 
# 
loop_
_entity.id 
_entity.type 
_entity.src_method 
_entity.pdbx_description 
_entity.formula_weight 
_entity.pdbx_number_of_molecules 
_entity.pdbx_ec 
_entity.pdbx_mutation 
_entity.pdbx_fragment 
_entity.details 
1 polymer     nat Hevein                          4731.166 1  ? ? ? ? 
2 non-polymer syn '(4S)-2-METHYL-2,4-PENTANEDIOL' 118.174  2  ? ? ? ? 
3 water       nat water                           18.015   39 ? ? ? ? 
# 
_entity_name_com.entity_id   1 
_entity_name_com.name        'HEV b 6.02' 
# 
_entity_poly.entity_id                      1 
_entity_poly.type                           'polypeptide(L)' 
_entity_poly.nstd_linkage                   no 
_entity_poly.nstd_monomer                   no 
_entity_poly.pdbx_seq_one_letter_code       EQCGRQAGGKLCPNNLCCSQWGWCGSTDEYCSPDHNCQSNCKD 
_entity_poly.pdbx_seq_one_letter_code_can   EQCGRQAGGKLCPNNLCCSQWGWCGSTDEYCSPDHNCQSNCKD 
_entity_poly.pdbx_strand_id                 A 
_entity_poly.pdbx_target_identifier         ? 
# 
loop_
_pdbx_entity_nonpoly.entity_id 
_pdbx_entity_nonpoly.name 
_pdbx_entity_nonpoly.comp_id 
2 '(4S)-2-METHYL-2,4-PENTANEDIOL' MPD 
3 water                           HOH 
# 
loop_
_entity_poly_seq.entity_id 
_entity_poly_seq.num 
_entity_poly_seq.mon_id 
_entity_poly_seq.hetero 
1 1  GLU n 
1 2  GLN n 
1 3  CYS n 
1 4  GLY n 
1 5  ARG n 
1 6  GLN n 
1 7  ALA n 
1 8  GLY n 
1 9  GLY n 
1 10 LYS n 
1 11 LEU n 
1 12 CYS n 
1 13 PRO n 
1 14 ASN n 
1 15 ASN n 
1 16 LEU n 
1 17 CYS n 
1 18 CYS n 
1 19 SER n 
1 20 GLN n 
1 21 TRP n 
1 22 GLY n 
1 23 TRP n 
1 24 CYS n 
1 25 GLY n 
1 26 SER n 
1 27 THR n 
1 28 ASP n 
1 29 GLU n 
1 30 TYR n 
1 31 CYS n 
1 32 SER n 
1 33 PRO n 
1 34 ASP n 
1 35 HIS n 
1 36 ASN n 
1 37 CYS n 
1 38 GLN n 
1 39 SER n 
1 40 ASN n 
1 41 CYS n 
1 42 LYS n 
1 43 ASP n 
# 
_entity_src_nat.entity_id                  1 
_entity_src_nat.pdbx_src_id                1 
_entity_src_nat.pdbx_alt_source_flag       sample 
_entity_src_nat.pdbx_beg_seq_num           ? 
_entity_src_nat.pdbx_end_seq_num           ? 
_entity_src_nat.common_name                ? 
_entity_src_nat.pdbx_organism_scientific   'Hevea brasiliensis' 
_entity_src_nat.pdbx_ncbi_taxonomy_id      3981 
_entity_src_nat.genus                      Hevea 
_entity_src_nat.species                    ? 
_entity_src_nat.strain                     ? 
_entity_src_nat.tissue                     LATEX 
_entity_src_nat.tissue_fraction            ? 
_entity_src_nat.pdbx_secretion             ? 
_entity_src_nat.pdbx_fragment              ? 
_entity_src_nat.pdbx_variant               ? 
_entity_src_nat.pdbx_cell_line             ? 
_entity_src_nat.pdbx_atcc                  ? 
_entity_src_nat.pdbx_cellular_location     ? 
_entity_src_nat.pdbx_organ                 ? 
_entity_src_nat.pdbx_organelle             ? 
_entity_src_nat.pdbx_cell                  ? 
_entity_src_nat.pdbx_plasmid_name          ? 
_entity_src_nat.pdbx_plasmid_details       ? 
_entity_src_nat.details                    ? 
# 
loop_
_chem_comp.id 
_chem_comp.type 
_chem_comp.mon_nstd_flag 
_chem_comp.name 
_chem_comp.pdbx_synonyms 
_chem_comp.formula 
_chem_comp.formula_weight 
ALA 'L-peptide linking' y ALANINE                         ? 'C3 H7 N O2'     89.093  
ARG 'L-peptide linking' y ARGININE                        ? 'C6 H15 N4 O2 1' 175.209 
ASN 'L-peptide linking' y ASPARAGINE                      ? 'C4 H8 N2 O3'    132.118 
ASP 'L-peptide linking' y 'ASPARTIC ACID'                 ? 'C4 H7 N O4'     133.103 
CYS 'L-peptide linking' y CYSTEINE                        ? 'C3 H7 N O2 S'   121.158 
GLN 'L-peptide linking' y GLUTAMINE                       ? 'C5 H10 N2 O3'   146.144 
GLU 'L-peptide linking' y 'GLUTAMIC ACID'                 ? 'C5 H9 N O4'     147.129 
GLY 'peptide linking'   y GLYCINE                         ? 'C2 H5 N O2'     75.067  
HIS 'L-peptide linking' y HISTIDINE                       ? 'C6 H10 N3 O2 1' 156.162 
HOH non-polymer         . WATER                           ? 'H2 O'           18.015  
LEU 'L-peptide linking' y LEUCINE                         ? 'C6 H13 N O2'    131.173 
LYS 'L-peptide linking' y LYSINE                          ? 'C6 H15 N2 O2 1' 147.195 
MPD non-polymer         . '(4S)-2-METHYL-2,4-PENTANEDIOL' ? 'C6 H14 O2'      118.174 
PRO 'L-peptide linking' y PROLINE                         ? 'C5 H9 N O2'     115.130 
SER 'L-peptide linking' y SERINE                          ? 'C3 H7 N O3'     105.093 
THR 'L-peptide linking' y THREONINE                       ? 'C4 H9 N O3'     119.119 
TRP 'L-peptide linking' y TRYPTOPHAN                      ? 'C11 H12 N2 O2'  204.225 
TYR 'L-peptide linking' y TYROSINE                        ? 'C9 H11 N O3'    181.189 
# 
loop_
_pdbx_poly_seq_scheme.asym_id 
_pdbx_poly_seq_scheme.entity_id 
_pdbx_poly_seq_scheme.seq_id 
_pdbx_poly_seq_scheme.mon_id 
_pdbx_poly_seq_scheme.ndb_seq_num 
_pdbx_poly_seq_scheme.pdb_seq_num 
_pdbx_poly_seq_scheme.auth_seq_num 
_pdbx_poly_seq_scheme.pdb_mon_id 
_pdbx_poly_seq_scheme.auth_mon_id 
_pdbx_poly_seq_scheme.pdb_strand_id 
_pdbx_poly_seq_scheme.pdb_ins_code 
_pdbx_poly_seq_scheme.hetero 
A 1 1  GLU 1  1  1  GLU GLU A . n 
A 1 2  GLN 2  2  2  GLN GLN A . n 
A 1 3  CYS 3  3  3  CYS CYS A . n 
A 1 4  GLY 4  4  4  GLY GLY A . n 
A 1 5  ARG 5  5  5  ARG ARG A . n 
A 1 6  GLN 6  6  6  GLN GLN A . n 
A 1 7  ALA 7  7  7  ALA ALA A . n 
A 1 8  GLY 8  8  8  GLY GLY A . n 
A 1 9  GLY 9  9  9  GLY GLY A . n 
A 1 10 LYS 10 10 10 LYS LYS A . n 
A 1 11 LEU 11 11 11 LEU LEU A . n 
A 1 12 CYS 12 12 12 CYS CYS A . n 
A 1 13 PRO 13 13 13 PRO PRO A . n 
A 1 14 ASN 14 14 14 ASN ASN A . n 
A 1 15 ASN 15 15 15 ASN ASN A . n 
A 1 16 LEU 16 16 16 LEU LEU A . n 
A 1 17 CYS 17 17 17 CYS CYS A . n 
A 1 18 CYS 18 18 18 CYS CYS A . n 
A 1 19 SER 19 19 19 SER SER A . n 
A 1 20 GLN 20 20 20 GLN GLN A . n 
A 1 21 TRP 21 21 21 TRP TRP A . n 
A 1 22 GLY 22 22 22 GLY GLY A . n 
A 1 23 TRP 23 23 23 TRP TRP A . n 
A 1 24 CYS 24 24 24 CYS CYS A . n 
A 1 25 GLY 25 25 25 GLY GLY A . n 
A 1 26 SER 26 26 26 SER SER A . n 
A 1 27 THR 27 27 27 THR THR A . n 
A 1 28 ASP 28 28 28 ASP ASP A . n 
A 1 29 GLU 29 29 29 GLU GLU A . n 
A 1 30 TYR 30 30 30 TYR TYR A . n 
A 1 31 CYS 31 31 31 CYS CYS A . n 
A 1 32 SER 32 32 32 SER SER A . n 
A 1 33 PRO 33 33 33 PRO PRO A . n 
A 1 34 ASP 34 34 34 ASP ASP A . n 
A 1 35 HIS 35 35 35 HIS HIS A . n 
A 1 36 ASN 36 36 36 ASN ASN A . n 
A 1 37 CYS 37 37 37 CYS CYS A . n 
A 1 38 GLN 38 38 38 GLN GLN A . n 
A 1 39 SER 39 39 39 SER SER A . n 
A 1 40 ASN 40 40 40 ASN ASN A . n 
A 1 41 CYS 41 41 41 CYS CYS A . n 
A 1 42 LYS 42 42 42 LYS LYS A . n 
A 1 43 ASP 43 43 43 ASP ASP A . n 
# 
loop_
_pdbx_nonpoly_scheme.asym_id 
_pdbx_nonpoly_scheme.entity_id 
_pdbx_nonpoly_scheme.mon_id 
_pdbx_nonpoly_scheme.ndb_seq_num 
_pdbx_nonpoly_scheme.pdb_seq_num 
_pdbx_nonpoly_scheme.auth_seq_num 
_pdbx_nonpoly_scheme.pdb_mon_id 
_pdbx_nonpoly_scheme.auth_mon_id 
_pdbx_nonpoly_scheme.pdb_strand_id 
_pdbx_nonpoly_scheme.pdb_ins_code 
B 2 MPD 1  101 101 MPD MPD A . 
C 2 MPD 1  102 102 MPD MPD A . 
D 3 HOH 1  201 201 HOH HOH A . 
D 3 HOH 2  202 202 HOH HOH A . 
D 3 HOH 3  203 203 HOH HOH A . 
D 3 HOH 4  204 204 HOH HOH A . 
D 3 HOH 5  205 205 HOH HOH A . 
D 3 HOH 6  206 206 HOH HOH A . 
D 3 HOH 7  207 207 HOH HOH A . 
D 3 HOH 8  208 208 HOH HOH A . 
D 3 HOH 9  209 209 HOH HOH A . 
D 3 HOH 10 210 210 HOH HOH A . 
D 3 HOH 11 211 211 HOH HOH A . 
D 3 HOH 12 212 212 HOH HOH A . 
D 3 HOH 13 213 213 HOH HOH A . 
D 3 HOH 14 214 214 HOH HOH A . 
D 3 HOH 15 215 215 HOH HOH A . 
D 3 HOH 16 216 216 HOH HOH A . 
D 3 HOH 17 217 217 HOH HOH A . 
D 3 HOH 18 218 218 HOH HOH A . 
D 3 HOH 19 219 219 HOH HOH A . 
D 3 HOH 20 220 220 HOH HOH A . 
D 3 HOH 21 221 221 HOH HOH A . 
D 3 HOH 22 222 222 HOH HOH A . 
D 3 HOH 23 223 223 HOH HOH A . 
D 3 HOH 24 224 224 HOH HOH A . 
D 3 HOH 25 225 225 HOH HOH A . 
D 3 HOH 26 226 226 HOH HOH A . 
D 3 HOH 27 227 227 HOH HOH A . 
D 3 HOH 28 228 228 HOH HOH A . 
D 3 HOH 29 229 229 HOH HOH A . 
D 3 HOH 30 230 230 HOH HOH A . 
D 3 HOH 31 231 231 HOH HOH A . 
D 3 HOH 32 232 232 HOH HOH A . 
D 3 HOH 33 233 233 HOH HOH A . 
D 3 HOH 34 234 234 HOH HOH A . 
D 3 HOH 35 235 235 HOH HOH A . 
D 3 HOH 36 236 236 HOH HOH A . 
D 3 HOH 37 237 237 HOH HOH A . 
D 3 HOH 38 238 238 HOH HOH A . 
D 3 HOH 39 239 239 HOH HOH A . 
# 
loop_
_software.name 
_software.classification 
_software.version 
_software.citation_id 
_software.pdbx_ordinal 
SHELXL-97 refinement       .           ? 1 
SCALA     'data scaling'   .           ? 2 
Agrovata  'data reduction' .           ? 3 
TRUNCATE  'data reduction' .           ? 4 
CNS       refinement       .           ? 5 
DENZO     'data reduction' .           ? 6 
CCP4      'data scaling'   '(AGROVATA' ? 7 
ROTAVATA  'data scaling'   .           ? 8 
CNS       phasing          .           ? 9 
# 
_cell.entry_id           1Q9B 
_cell.length_a           31.810 
_cell.length_b           60.950 
_cell.length_c           22.510 
_cell.angle_alpha        90.00 
_cell.angle_beta         90.00 
_cell.angle_gamma        90.00 
_cell.Z_PDB              4 
_cell.pdbx_unique_axis   ? 
# 
_symmetry.entry_id                         1Q9B 
_symmetry.space_group_name_H-M             'P 21 21 2' 
_symmetry.pdbx_full_space_group_name_H-M   ? 
_symmetry.cell_setting                     orthorhombic 
_symmetry.Int_Tables_number                18 
# 
_exptl.entry_id          1Q9B 
_exptl.method            'X-RAY DIFFRACTION' 
_exptl.crystals_number   1 
# 
_exptl_crystal.id                    1 
_exptl_crystal.density_meas          ? 
_exptl_crystal.density_Matthews      1.91 
_exptl_crystal.density_percent_sol   35.5 
_exptl_crystal.description           ? 
# 
_exptl_crystal_grow.crystal_id      1 
_exptl_crystal_grow.method          'VAPOR DIFFUSION, SITTING DROP' 
_exptl_crystal_grow.temp            291 
_exptl_crystal_grow.temp_details    ? 
_exptl_crystal_grow.pH              7.10 
_exptl_crystal_grow.pdbx_details    'MPD, Tris-HCl, pH 7.10, VAPOR DIFFUSION, SITTING DROP, temperature 291K' 
_exptl_crystal_grow.pdbx_pH_range   ? 
# 
_diffrn.id                     1 
_diffrn.ambient_temp           277.0 
_diffrn.ambient_temp_details   ? 
_diffrn.crystal_id             1 
# 
_diffrn_detector.diffrn_id              1 
_diffrn_detector.detector               'IMAGE PLATE' 
_diffrn_detector.type                   MARRESEARCH 
_diffrn_detector.pdbx_collection_date   1999-01-15 
_diffrn_detector.details                ? 
# 
_diffrn_radiation.diffrn_id                        1 
_diffrn_radiation.wavelength_id                    1 
_diffrn_radiation.pdbx_monochromatic_or_laue_m_l   M 
_diffrn_radiation.monochromator                    Si 
_diffrn_radiation.pdbx_diffrn_protocol             'SINGLE WAVELENGTH' 
_diffrn_radiation.pdbx_scattering_type             x-ray 
# 
_diffrn_radiation_wavelength.id           1 
_diffrn_radiation_wavelength.wavelength   1.08 
_diffrn_radiation_wavelength.wt           1.0 
# 
_diffrn_source.diffrn_id                   1 
_diffrn_source.source                      SYNCHROTRON 
_diffrn_source.type                        'SSRL BEAMLINE BL7-1' 
_diffrn_source.pdbx_synchrotron_site       SSRL 
_diffrn_source.pdbx_synchrotron_beamline   BL7-1 
_diffrn_source.pdbx_wavelength             1.08 
_diffrn_source.pdbx_wavelength_list        1.08 
# 
_reflns.entry_id                     1Q9B 
_reflns.observed_criterion_sigma_I   ? 
_reflns.observed_criterion_sigma_F   ? 
_reflns.d_resolution_low             15.0 
_reflns.d_resolution_high            1.500 
_reflns.number_obs                   7332 
_reflns.number_all                   7678 
_reflns.percent_possible_obs         95.5 
_reflns.pdbx_Rmerge_I_obs            ? 
_reflns.pdbx_Rsym_value              0.05 
_reflns.pdbx_netI_over_sigmaI        6.700 
_reflns.B_iso_Wilson_estimate        13.9 
_reflns.pdbx_redundancy              4.800 
_reflns.R_free_details               ? 
_reflns.limit_h_max                  ? 
_reflns.limit_h_min                  ? 
_reflns.limit_k_max                  ? 
_reflns.limit_k_min                  ? 
_reflns.limit_l_max                  ? 
_reflns.limit_l_min                  ? 
_reflns.observed_criterion_F_max     ? 
_reflns.observed_criterion_F_min     ? 
_reflns.pdbx_diffrn_id               1 
_reflns.pdbx_ordinal                 1 
# 
_reflns_shell.d_res_high             1.50 
_reflns_shell.d_res_low              1.53 
_reflns_shell.percent_possible_all   97.2 
_reflns_shell.Rmerge_I_obs           ? 
_reflns_shell.pdbx_Rsym_value        0.046 
_reflns_shell.meanI_over_sigI_obs    12.300 
_reflns_shell.pdbx_redundancy        4.60 
_reflns_shell.percent_possible_obs   ? 
_reflns_shell.number_unique_all      635 
_reflns_shell.pdbx_diffrn_id         ? 
_reflns_shell.pdbx_ordinal           1 
# 
_refine.entry_id                                 1Q9B 
_refine.ls_number_reflns_obs                     6980 
_refine.ls_number_reflns_all                     6996 
_refine.pdbx_ls_sigma_I                          ? 
_refine.pdbx_ls_sigma_F                          0.0 
_refine.pdbx_data_cutoff_high_absF               ? 
_refine.pdbx_data_cutoff_low_absF                ? 
_refine.pdbx_data_cutoff_high_rms_absF           ? 
_refine.ls_d_res_low                             9.50 
_refine.ls_d_res_high                            1.50 
_refine.ls_percent_reflns_obs                    94.2 
_refine.ls_R_factor_obs                          0.128 
_refine.ls_R_factor_all                          0.128 
_refine.ls_R_factor_R_work                       ? 
_refine.ls_R_factor_R_free                       0.145 
_refine.ls_R_factor_R_free_error                 ? 
_refine.ls_R_factor_R_free_error_details         ? 
_refine.ls_percent_reflns_R_free                 10.00 
_refine.ls_number_reflns_R_free                  698 
_refine.ls_number_parameters                     3772 
_refine.ls_number_restraints                     4884 
_refine.occupancy_min                            ? 
_refine.occupancy_max                            ? 
_refine.correlation_coeff_Fo_to_Fc               ? 
_refine.correlation_coeff_Fo_to_Fc_free          ? 
_refine.B_iso_mean                               ? 
_refine.aniso_B[1][1]                            ? 
_refine.aniso_B[2][2]                            ? 
_refine.aniso_B[3][3]                            ? 
_refine.aniso_B[1][2]                            ? 
_refine.aniso_B[1][3]                            ? 
_refine.aniso_B[2][3]                            ? 
_refine.solvent_model_details                    'MOEWS & KRETSINGER, J.MOL.BIOL.91(1973)201-228' 
_refine.solvent_model_param_ksol                 ? 
_refine.solvent_model_param_bsol                 ? 
_refine.pdbx_solvent_vdw_probe_radii             ? 
_refine.pdbx_solvent_ion_probe_radii             ? 
_refine.pdbx_solvent_shrinkage_radii             ? 
_refine.pdbx_ls_cross_valid_method               'FREE R' 
_refine.details                                  
;THE ALTERNATE CONFORMATIONS EVENTUALLY REDUCED FREE R FROM 21.19-19.20%. INTRODUCTION OF ANISOTROPIC REFINEMENT REDUCED FREE R FROM 19.20- 16.01%. DISCRETELY DISORDERED HETEROGENS: 2, MPD 101 AND MPD 102; DISCRETELY DISORDERED RESIDUES: 6, GLU 1, LEU 11, PRO 13, SER 26, GLU 29, PRO 33. ANISOTROPIC SCALING APPLIED BY THE METHOD OF PARKIN, MOEZZI & HOPE, J.APPL.CRYST.28(1995)53-56
;
_refine.pdbx_starting_model                      'PDB ENTRY 1HEV' 
_refine.pdbx_method_to_determine_struct          'MOLECULAR REPLACEMENT' 
_refine.pdbx_isotropic_thermal_model             ? 
_refine.pdbx_stereochemistry_target_values       'ENGH AND HUBER' 
_refine.pdbx_stereochem_target_val_spec_case     ? 
_refine.pdbx_R_Free_selection_details            RANDOM 
_refine.pdbx_overall_ESU_R                       ? 
_refine.pdbx_overall_ESU_R_Free                  ? 
_refine.overall_SU_ML                            ? 
_refine.overall_SU_B                             ? 
_refine.ls_redundancy_reflns_obs                 ? 
_refine.B_iso_min                                ? 
_refine.B_iso_max                                ? 
_refine.overall_SU_R_Cruickshank_DPI             ? 
_refine.overall_SU_R_free                        ? 
_refine.pdbx_refine_id                           'X-RAY DIFFRACTION' 
_refine.pdbx_diffrn_id                           1 
_refine.pdbx_TLS_residual_ADP_flag               ? 
_refine.pdbx_overall_phase_error                 ? 
_refine.pdbx_overall_SU_R_free_Cruickshank_DPI   ? 
_refine.pdbx_overall_SU_R_Blow_DPI               ? 
_refine.pdbx_overall_SU_R_free_Blow_DPI          ? 
# 
_refine_analyze.entry_id                        1Q9B 
_refine_analyze.Luzzati_coordinate_error_obs    ? 
_refine_analyze.Luzzati_sigma_a_obs             ? 
_refine_analyze.Luzzati_d_res_low_obs           ? 
_refine_analyze.Luzzati_coordinate_error_free   ? 
_refine_analyze.Luzzati_sigma_a_free            ? 
_refine_analyze.Luzzati_d_res_low_free          ? 
_refine_analyze.number_disordered_residues      8 
_refine_analyze.occupancy_sum_hydrogen          268.00 
_refine_analyze.occupancy_sum_non_hydrogen      379.00 
_refine_analyze.pdbx_Luzzati_d_res_high_obs     ? 
_refine_analyze.pdbx_refine_id                  'X-RAY DIFFRACTION' 
# 
_refine_hist.pdbx_refine_id                   'X-RAY DIFFRACTION' 
_refine_hist.cycle_id                         LAST 
_refine_hist.pdbx_number_atoms_protein        345 
_refine_hist.pdbx_number_atoms_nucleic_acid   0 
_refine_hist.pdbx_number_atoms_ligand         32 
_refine_hist.number_atoms_solvent             39 
_refine_hist.number_atoms_total               416 
_refine_hist.d_res_high                       1.50 
_refine_hist.d_res_low                        9.50 
# 
loop_
_refine_ls_restr.type 
_refine_ls_restr.dev_ideal 
_refine_ls_restr.dev_ideal_target 
_refine_ls_restr.weight 
_refine_ls_restr.number 
_refine_ls_restr.pdbx_refine_id 
_refine_ls_restr.pdbx_restraint_function 
s_bond_d               0.011  ? ? ? 'X-RAY DIFFRACTION' ? 
s_angle_d              0.030  ? ? ? 'X-RAY DIFFRACTION' ? 
s_similar_dist         0.000  ? ? ? 'X-RAY DIFFRACTION' ? 
s_from_restr_planes    0.0214 ? ? ? 'X-RAY DIFFRACTION' ? 
s_zero_chiral_vol      0.060  ? ? ? 'X-RAY DIFFRACTION' ? 
s_non_zero_chiral_vol  0.077  ? ? ? 'X-RAY DIFFRACTION' ? 
s_anti_bump_dis_restr  0.021  ? ? ? 'X-RAY DIFFRACTION' ? 
s_rigid_bond_adp_cmpnt 0.004  ? ? ? 'X-RAY DIFFRACTION' ? 
s_similar_adp_cmpnt    0.034  ? ? ? 'X-RAY DIFFRACTION' ? 
s_approx_iso_adps      0.065  ? ? ? 'X-RAY DIFFRACTION' ? 
# 
_refine_ls_shell.pdbx_total_number_of_bins_used   ? 
_refine_ls_shell.d_res_high                       1.50 
_refine_ls_shell.d_res_low                        1.53 
_refine_ls_shell.number_reflns_R_work             ? 
_refine_ls_shell.R_factor_R_work                  ? 
_refine_ls_shell.percent_reflns_obs               ? 
_refine_ls_shell.R_factor_R_free                  ? 
_refine_ls_shell.R_factor_R_free_error            ? 
_refine_ls_shell.percent_reflns_R_free            ? 
_refine_ls_shell.number_reflns_R_free             63 
_refine_ls_shell.number_reflns_obs                635 
_refine_ls_shell.redundancy_reflns_obs            ? 
_refine_ls_shell.number_reflns_all                ? 
_refine_ls_shell.pdbx_refine_id                   'X-RAY DIFFRACTION' 
_refine_ls_shell.R_factor_all                     ? 
# 
_pdbx_refine.entry_id                                    1Q9B 
_pdbx_refine.R_factor_all_no_cutoff                      0.128 
_pdbx_refine.R_factor_obs_no_cutoff                      0.128 
_pdbx_refine.free_R_factor_no_cutoff                     0.145 
_pdbx_refine.free_R_val_test_set_size_perc_no_cutoff     10.00 
_pdbx_refine.free_R_val_test_set_ct_no_cutoff            698 
_pdbx_refine.R_factor_all_4sig_cutoff                    0.128 
_pdbx_refine.R_factor_obs_4sig_cutoff                    0.128 
_pdbx_refine.free_R_factor_4sig_cutoff                   0.148 
_pdbx_refine.free_R_val_test_set_size_perc_4sig_cutoff   10.00 
_pdbx_refine.free_R_val_test_set_ct_4sig_cutoff          680 
_pdbx_refine.number_reflns_obs_4sig_cutoff               6809 
_pdbx_refine.number_reflns_obs_no_cutoff                 ? 
_pdbx_refine.pdbx_refine_id                              'X-RAY DIFFRACTION' 
_pdbx_refine.free_R_error_no_cutoff                      ? 
# 
_struct.entry_id                  1Q9B 
_struct.title                     'CRYSTAL STRUCTURE ANALYSIS OF Hev b 6.02 (HEVEIN) AT 1.5 ANGSTROMS RESOLUTION' 
_struct.pdbx_model_details        ? 
_struct.pdbx_CASP_flag            ? 
_struct.pdbx_model_type_details   ? 
# 
_struct_keywords.entry_id        1Q9B 
_struct_keywords.pdbx_keywords   ALLERGEN 
_struct_keywords.text            'ALLERGEN, LECTIN, AGGLUTININ-TOXIN MOTIF' 
# 
loop_
_struct_asym.id 
_struct_asym.pdbx_blank_PDB_chainid_flag 
_struct_asym.pdbx_modified 
_struct_asym.entity_id 
_struct_asym.details 
A N N 1 ? 
B N N 2 ? 
C N N 2 ? 
D N N 3 ? 
# 
_struct_ref.id                         1 
_struct_ref.db_name                    UNP 
_struct_ref.db_code                    HEVE_HEVBR 
_struct_ref.pdbx_db_accession          P02877 
_struct_ref.entity_id                  1 
_struct_ref.pdbx_seq_one_letter_code   EQCGRQAGGKLCPNNLCCSQWGWCGSTDEYCSPDHNCQSNCKD 
_struct_ref.pdbx_align_begin           18 
_struct_ref.pdbx_db_isoform            ? 
# 
_struct_ref_seq.align_id                      1 
_struct_ref_seq.ref_id                        1 
_struct_ref_seq.pdbx_PDB_id_code              1Q9B 
_struct_ref_seq.pdbx_strand_id                A 
_struct_ref_seq.seq_align_beg                 1 
_struct_ref_seq.pdbx_seq_align_beg_ins_code   ? 
_struct_ref_seq.seq_align_end                 43 
_struct_ref_seq.pdbx_seq_align_end_ins_code   ? 
_struct_ref_seq.pdbx_db_accession             P02877 
_struct_ref_seq.db_align_beg                  18 
_struct_ref_seq.pdbx_db_align_beg_ins_code    ? 
_struct_ref_seq.db_align_end                  60 
_struct_ref_seq.pdbx_db_align_end_ins_code    ? 
_struct_ref_seq.pdbx_auth_seq_align_beg       1 
_struct_ref_seq.pdbx_auth_seq_align_end       43 
# 
_pdbx_struct_assembly.id                   1 
_pdbx_struct_assembly.details              author_defined_assembly 
_pdbx_struct_assembly.method_details       ? 
_pdbx_struct_assembly.oligomeric_details   monomeric 
_pdbx_struct_assembly.oligomeric_count     1 
# 
_pdbx_struct_assembly_gen.assembly_id       1 
_pdbx_struct_assembly_gen.oper_expression   1 
_pdbx_struct_assembly_gen.asym_id_list      A,B,C,D 
# 
_pdbx_struct_oper_list.id                   1 
_pdbx_struct_oper_list.type                 'identity operation' 
_pdbx_struct_oper_list.name                 1_555 
_pdbx_struct_oper_list.symmetry_operation   x,y,z 
_pdbx_struct_oper_list.matrix[1][1]         1.0000000000 
_pdbx_struct_oper_list.matrix[1][2]         0.0000000000 
_pdbx_struct_oper_list.matrix[1][3]         0.0000000000 
_pdbx_struct_oper_list.vector[1]            0.0000000000 
_pdbx_struct_oper_list.matrix[2][1]         0.0000000000 
_pdbx_struct_oper_list.matrix[2][2]         1.0000000000 
_pdbx_struct_oper_list.matrix[2][3]         0.0000000000 
_pdbx_struct_oper_list.vector[2]            0.0000000000 
_pdbx_struct_oper_list.matrix[3][1]         0.0000000000 
_pdbx_struct_oper_list.matrix[3][2]         0.0000000000 
_pdbx_struct_oper_list.matrix[3][3]         1.0000000000 
_pdbx_struct_oper_list.vector[3]            0.0000000000 
# 
_struct_biol.id                    1 
_struct_biol.pdbx_parent_biol_id   ? 
_struct_biol.details               ? 
# 
loop_
_struct_conf.conf_type_id 
_struct_conf.id 
_struct_conf.pdbx_PDB_helix_id 
_struct_conf.beg_label_comp_id 
_struct_conf.beg_label_asym_id 
_struct_conf.beg_label_seq_id 
_struct_conf.pdbx_beg_PDB_ins_code 
_struct_conf.end_label_comp_id 
_struct_conf.end_label_asym_id 
_struct_conf.end_label_seq_id 
_struct_conf.pdbx_end_PDB_ins_code 
_struct_conf.beg_auth_comp_id 
_struct_conf.beg_auth_asym_id 
_struct_conf.beg_auth_seq_id 
_struct_conf.end_auth_comp_id 
_struct_conf.end_auth_asym_id 
_struct_conf.end_auth_seq_id 
_struct_conf.pdbx_PDB_helix_class 
_struct_conf.details 
_struct_conf.pdbx_PDB_helix_length 
HELX_P HELX_P1 1 CYS A 3  ? GLY A 8  ? CYS A 3  GLY A 8  5 ? 6 
HELX_P HELX_P2 2 CYS A 12 ? LEU A 16 ? CYS A 12 LEU A 16 5 ? 5 
HELX_P HELX_P3 3 THR A 27 ? SER A 32 ? THR A 27 SER A 32 1 ? 6 
HELX_P HELX_P4 4 PRO A 33 ? ASN A 36 ? PRO A 33 ASN A 36 5 ? 4 
# 
_struct_conf_type.id          HELX_P 
_struct_conf_type.criteria    ? 
_struct_conf_type.reference   ? 
# 
loop_
_struct_conn.id 
_struct_conn.conn_type_id 
_struct_conn.pdbx_leaving_atom_flag 
_struct_conn.pdbx_PDB_id 
_struct_conn.ptnr1_label_asym_id 
_struct_conn.ptnr1_label_comp_id 
_struct_conn.ptnr1_label_seq_id 
_struct_conn.ptnr1_label_atom_id 
_struct_conn.pdbx_ptnr1_label_alt_id 
_struct_conn.pdbx_ptnr1_PDB_ins_code 
_struct_conn.pdbx_ptnr1_standard_comp_id 
_struct_conn.ptnr1_symmetry 
_struct_conn.ptnr2_label_asym_id 
_struct_conn.ptnr2_label_comp_id 
_struct_conn.ptnr2_label_seq_id 
_struct_conn.ptnr2_label_atom_id 
_struct_conn.pdbx_ptnr2_label_alt_id 
_struct_conn.pdbx_ptnr2_PDB_ins_code 
_struct_conn.ptnr1_auth_asym_id 
_struct_conn.ptnr1_auth_comp_id 
_struct_conn.ptnr1_auth_seq_id 
_struct_conn.ptnr2_auth_asym_id 
_struct_conn.ptnr2_auth_comp_id 
_struct_conn.ptnr2_auth_seq_id 
_struct_conn.ptnr2_symmetry 
_struct_conn.pdbx_ptnr3_label_atom_id 
_struct_conn.pdbx_ptnr3_label_seq_id 
_struct_conn.pdbx_ptnr3_label_comp_id 
_struct_conn.pdbx_ptnr3_label_asym_id 
_struct_conn.pdbx_ptnr3_label_alt_id 
_struct_conn.pdbx_ptnr3_PDB_ins_code 
_struct_conn.details 
_struct_conn.pdbx_dist_value 
_struct_conn.pdbx_value_order 
_struct_conn.pdbx_role 
disulf1 disulf ? ? A CYS 3  SG ? ? ? 1_555 A CYS 18 SG ? ? A CYS 3  A CYS 18 1_555 ? ? ? ? ? ? ? 2.035 ? ? 
disulf2 disulf ? ? A CYS 12 SG ? ? ? 1_555 A CYS 24 SG ? ? A CYS 12 A CYS 24 1_555 ? ? ? ? ? ? ? 2.034 ? ? 
disulf3 disulf ? ? A CYS 17 SG ? ? ? 1_555 A CYS 31 SG ? ? A CYS 17 A CYS 31 1_555 ? ? ? ? ? ? ? 2.019 ? ? 
disulf4 disulf ? ? A CYS 37 SG ? ? ? 1_555 A CYS 41 SG ? ? A CYS 37 A CYS 41 1_555 ? ? ? ? ? ? ? 2.024 ? ? 
# 
_struct_conn_type.id          disulf 
_struct_conn_type.criteria    ? 
_struct_conn_type.reference   ? 
# 
loop_
_pdbx_modification_feature.ordinal 
_pdbx_modification_feature.label_comp_id 
_pdbx_modification_feature.label_asym_id 
_pdbx_modification_feature.label_seq_id 
_pdbx_modification_feature.label_alt_id 
_pdbx_modification_feature.modified_residue_label_comp_id 
_pdbx_modification_feature.modified_residue_label_asym_id 
_pdbx_modification_feature.modified_residue_label_seq_id 
_pdbx_modification_feature.modified_residue_label_alt_id 
_pdbx_modification_feature.auth_comp_id 
_pdbx_modification_feature.auth_asym_id 
_pdbx_modification_feature.auth_seq_id 
_pdbx_modification_feature.PDB_ins_code 
_pdbx_modification_feature.symmetry 
_pdbx_modification_feature.modified_residue_auth_comp_id 
_pdbx_modification_feature.modified_residue_auth_asym_id 
_pdbx_modification_feature.modified_residue_auth_seq_id 
_pdbx_modification_feature.modified_residue_PDB_ins_code 
_pdbx_modification_feature.modified_residue_symmetry 
_pdbx_modification_feature.comp_id_linking_atom 
_pdbx_modification_feature.modified_residue_id_linking_atom 
_pdbx_modification_feature.modified_residue_id 
_pdbx_modification_feature.ref_pcm_id 
_pdbx_modification_feature.ref_comp_id 
_pdbx_modification_feature.type 
_pdbx_modification_feature.category 
1 CYS A 3  ? CYS A 18 ? CYS A 3  ? 1_555 CYS A 18 ? 1_555 SG SG . . . None 'Disulfide bridge' 
2 CYS A 12 ? CYS A 24 ? CYS A 12 ? 1_555 CYS A 24 ? 1_555 SG SG . . . None 'Disulfide bridge' 
3 CYS A 17 ? CYS A 31 ? CYS A 17 ? 1_555 CYS A 31 ? 1_555 SG SG . . . None 'Disulfide bridge' 
4 CYS A 37 ? CYS A 41 ? CYS A 37 ? 1_555 CYS A 41 ? 1_555 SG SG . . . None 'Disulfide bridge' 
# 
_struct_sheet.id               A 
_struct_sheet.type             ? 
_struct_sheet.number_strands   2 
_struct_sheet.details          ? 
# 
_struct_sheet_order.sheet_id     A 
_struct_sheet_order.range_id_1   1 
_struct_sheet_order.range_id_2   2 
_struct_sheet_order.offset       ? 
_struct_sheet_order.sense        anti-parallel 
# 
loop_
_struct_sheet_range.sheet_id 
_struct_sheet_range.id 
_struct_sheet_range.beg_label_comp_id 
_struct_sheet_range.beg_label_asym_id 
_struct_sheet_range.beg_label_seq_id 
_struct_sheet_range.pdbx_beg_PDB_ins_code 
_struct_sheet_range.end_label_comp_id 
_struct_sheet_range.end_label_asym_id 
_struct_sheet_range.end_label_seq_id 
_struct_sheet_range.pdbx_end_PDB_ins_code 
_struct_sheet_range.beg_auth_comp_id 
_struct_sheet_range.beg_auth_asym_id 
_struct_sheet_range.beg_auth_seq_id 
_struct_sheet_range.end_auth_comp_id 
_struct_sheet_range.end_auth_asym_id 
_struct_sheet_range.end_auth_seq_id 
A 1 CYS A 17 ? CYS A 18 ? CYS A 17 CYS A 18 
A 2 CYS A 24 ? GLY A 25 ? CYS A 24 GLY A 25 
# 
_pdbx_struct_sheet_hbond.sheet_id                A 
_pdbx_struct_sheet_hbond.range_id_1              1 
_pdbx_struct_sheet_hbond.range_id_2              2 
_pdbx_struct_sheet_hbond.range_1_label_atom_id   N 
_pdbx_struct_sheet_hbond.range_1_label_comp_id   CYS 
_pdbx_struct_sheet_hbond.range_1_label_asym_id   A 
_pdbx_struct_sheet_hbond.range_1_label_seq_id    17 
_pdbx_struct_sheet_hbond.range_1_PDB_ins_code    ? 
_pdbx_struct_sheet_hbond.range_1_auth_atom_id    N 
_pdbx_struct_sheet_hbond.range_1_auth_comp_id    CYS 
_pdbx_struct_sheet_hbond.range_1_auth_asym_id    A 
_pdbx_struct_sheet_hbond.range_1_auth_seq_id     17 
_pdbx_struct_sheet_hbond.range_2_label_atom_id   O 
_pdbx_struct_sheet_hbond.range_2_label_comp_id   GLY 
_pdbx_struct_sheet_hbond.range_2_label_asym_id   A 
_pdbx_struct_sheet_hbond.range_2_label_seq_id    25 
_pdbx_struct_sheet_hbond.range_2_PDB_ins_code    ? 
_pdbx_struct_sheet_hbond.range_2_auth_atom_id    O 
_pdbx_struct_sheet_hbond.range_2_auth_comp_id    GLY 
_pdbx_struct_sheet_hbond.range_2_auth_asym_id    A 
_pdbx_struct_sheet_hbond.range_2_auth_seq_id     25 
# 
loop_
_struct_site.id 
_struct_site.pdbx_evidence_code 
_struct_site.pdbx_auth_asym_id 
_struct_site.pdbx_auth_comp_id 
_struct_site.pdbx_auth_seq_id 
_struct_site.pdbx_auth_ins_code 
_struct_site.pdbx_num_residues 
_struct_site.details 
AC1 Software A MPD 101 ? 8 'BINDING SITE FOR RESIDUE MPD A 101' 
AC2 Software A MPD 102 ? 7 'BINDING SITE FOR RESIDUE MPD A 102' 
# 
loop_
_struct_site_gen.id 
_struct_site_gen.site_id 
_struct_site_gen.pdbx_num_res 
_struct_site_gen.label_comp_id 
_struct_site_gen.label_asym_id 
_struct_site_gen.label_seq_id 
_struct_site_gen.pdbx_auth_ins_code 
_struct_site_gen.auth_comp_id 
_struct_site_gen.auth_asym_id 
_struct_site_gen.auth_seq_id 
_struct_site_gen.label_atom_id 
_struct_site_gen.label_alt_id 
_struct_site_gen.symmetry 
_struct_site_gen.details 
1  AC1 8 LEU A 11 ? LEU A 11  . ? 1_556 ? 
2  AC1 8 PRO A 13 ? PRO A 13  . ? 4_456 ? 
3  AC1 8 TRP A 21 ? TRP A 21  . ? 1_555 ? 
4  AC1 8 SER A 39 ? SER A 39  . ? 1_556 ? 
5  AC1 8 ASN A 40 ? ASN A 40  . ? 1_556 ? 
6  AC1 8 HOH D .  ? HOH A 207 . ? 1_555 ? 
7  AC1 8 HOH D .  ? HOH A 220 . ? 1_556 ? 
8  AC1 8 HOH D .  ? HOH A 224 . ? 1_555 ? 
9  AC2 7 ARG A 5  ? ARG A 5   . ? 4_556 ? 
10 AC2 7 ASN A 15 ? ASN A 15  . ? 1_556 ? 
11 AC2 7 TRP A 23 ? TRP A 23  . ? 1_555 ? 
12 AC2 7 GLU A 29 ? GLU A 29  . ? 1_555 ? 
13 AC2 7 TYR A 30 ? TYR A 30  . ? 1_555 ? 
14 AC2 7 ASN A 40 ? ASN A 40  . ? 1_556 ? 
15 AC2 7 HOH D .  ? HOH A 204 . ? 1_555 ? 
# 
_pdbx_entry_details.entry_id                   1Q9B 
_pdbx_entry_details.compound_details           ? 
_pdbx_entry_details.source_details             ? 
_pdbx_entry_details.nonpolymer_details         ? 
_pdbx_entry_details.sequence_details           ? 
_pdbx_entry_details.has_ligand_of_interest     ? 
_pdbx_entry_details.has_protein_modification   Y 
# 
_pdbx_validate_rmsd_angle.id                         1 
_pdbx_validate_rmsd_angle.PDB_model_num              1 
_pdbx_validate_rmsd_angle.auth_atom_id_1             CB 
_pdbx_validate_rmsd_angle.auth_asym_id_1             A 
_pdbx_validate_rmsd_angle.auth_comp_id_1             ASP 
_pdbx_validate_rmsd_angle.auth_seq_id_1              28 
_pdbx_validate_rmsd_angle.PDB_ins_code_1             ? 
_pdbx_validate_rmsd_angle.label_alt_id_1             ? 
_pdbx_validate_rmsd_angle.auth_atom_id_2             CG 
_pdbx_validate_rmsd_angle.auth_asym_id_2             A 
_pdbx_validate_rmsd_angle.auth_comp_id_2             ASP 
_pdbx_validate_rmsd_angle.auth_seq_id_2              28 
_pdbx_validate_rmsd_angle.PDB_ins_code_2             ? 
_pdbx_validate_rmsd_angle.label_alt_id_2             ? 
_pdbx_validate_rmsd_angle.auth_atom_id_3             OD2 
_pdbx_validate_rmsd_angle.auth_asym_id_3             A 
_pdbx_validate_rmsd_angle.auth_comp_id_3             ASP 
_pdbx_validate_rmsd_angle.auth_seq_id_3              28 
_pdbx_validate_rmsd_angle.PDB_ins_code_3             ? 
_pdbx_validate_rmsd_angle.label_alt_id_3             ? 
_pdbx_validate_rmsd_angle.angle_value                111.30 
_pdbx_validate_rmsd_angle.angle_target_value         118.30 
_pdbx_validate_rmsd_angle.angle_deviation            -7.00 
_pdbx_validate_rmsd_angle.angle_standard_deviation   0.90 
_pdbx_validate_rmsd_angle.linker_flag                N 
# 
loop_
_pdbx_validate_torsion.id 
_pdbx_validate_torsion.PDB_model_num 
_pdbx_validate_torsion.auth_comp_id 
_pdbx_validate_torsion.auth_asym_id 
_pdbx_validate_torsion.auth_seq_id 
_pdbx_validate_torsion.PDB_ins_code 
_pdbx_validate_torsion.label_alt_id 
_pdbx_validate_torsion.phi 
_pdbx_validate_torsion.psi 
1 1 ALA A 7  ? ? -144.86 47.32   
2 1 LYS A 42 ? ? -103.91 -164.32 
# 
loop_
_chem_comp_atom.comp_id 
_chem_comp_atom.atom_id 
_chem_comp_atom.type_symbol 
_chem_comp_atom.pdbx_aromatic_flag 
_chem_comp_atom.pdbx_stereo_config 
_chem_comp_atom.pdbx_ordinal 
ALA N    N N N 1   
ALA CA   C N S 2   
ALA C    C N N 3   
ALA O    O N N 4   
ALA CB   C N N 5   
ALA OXT  O N N 6   
ALA H    H N N 7   
ALA H2   H N N 8   
ALA HA   H N N 9   
ALA HB1  H N N 10  
ALA HB2  H N N 11  
ALA HB3  H N N 12  
ALA HXT  H N N 13  
ARG N    N N N 14  
ARG CA   C N S 15  
ARG C    C N N 16  
ARG O    O N N 17  
ARG CB   C N N 18  
ARG CG   C N N 19  
ARG CD   C N N 20  
ARG NE   N N N 21  
ARG CZ   C N N 22  
ARG NH1  N N N 23  
ARG NH2  N N N 24  
ARG OXT  O N N 25  
ARG H    H N N 26  
ARG H2   H N N 27  
ARG HA   H N N 28  
ARG HB2  H N N 29  
ARG HB3  H N N 30  
ARG HG2  H N N 31  
ARG HG3  H N N 32  
ARG HD2  H N N 33  
ARG HD3  H N N 34  
ARG HE   H N N 35  
ARG HH11 H N N 36  
ARG HH12 H N N 37  
ARG HH21 H N N 38  
ARG HH22 H N N 39  
ARG HXT  H N N 40  
ASN N    N N N 41  
ASN CA   C N S 42  
ASN C    C N N 43  
ASN O    O N N 44  
ASN CB   C N N 45  
ASN CG   C N N 46  
ASN OD1  O N N 47  
ASN ND2  N N N 48  
ASN OXT  O N N 49  
ASN H    H N N 50  
ASN H2   H N N 51  
ASN HA   H N N 52  
ASN HB2  H N N 53  
ASN HB3  H N N 54  
ASN HD21 H N N 55  
ASN HD22 H N N 56  
ASN HXT  H N N 57  
ASP N    N N N 58  
ASP CA   C N S 59  
ASP C    C N N 60  
ASP O    O N N 61  
ASP CB   C N N 62  
ASP CG   C N N 63  
ASP OD1  O N N 64  
ASP OD2  O N N 65  
ASP OXT  O N N 66  
ASP H    H N N 67  
ASP H2   H N N 68  
ASP HA   H N N 69  
ASP HB2  H N N 70  
ASP HB3  H N N 71  
ASP HD2  H N N 72  
ASP HXT  H N N 73  
CYS N    N N N 74  
CYS CA   C N R 75  
CYS C    C N N 76  
CYS O    O N N 77  
CYS CB   C N N 78  
CYS SG   S N N 79  
CYS OXT  O N N 80  
CYS H    H N N 81  
CYS H2   H N N 82  
CYS HA   H N N 83  
CYS HB2  H N N 84  
CYS HB3  H N N 85  
CYS HG   H N N 86  
CYS HXT  H N N 87  
GLN N    N N N 88  
GLN CA   C N S 89  
GLN C    C N N 90  
GLN O    O N N 91  
GLN CB   C N N 92  
GLN CG   C N N 93  
GLN CD   C N N 94  
GLN OE1  O N N 95  
GLN NE2  N N N 96  
GLN OXT  O N N 97  
GLN H    H N N 98  
GLN H2   H N N 99  
GLN HA   H N N 100 
GLN HB2  H N N 101 
GLN HB3  H N N 102 
GLN HG2  H N N 103 
GLN HG3  H N N 104 
GLN HE21 H N N 105 
GLN HE22 H N N 106 
GLN HXT  H N N 107 
GLU N    N N N 108 
GLU CA   C N S 109 
GLU C    C N N 110 
GLU O    O N N 111 
GLU CB   C N N 112 
GLU CG   C N N 113 
GLU CD   C N N 114 
GLU OE1  O N N 115 
GLU OE2  O N N 116 
GLU OXT  O N N 117 
GLU H    H N N 118 
GLU H2   H N N 119 
GLU HA   H N N 120 
GLU HB2  H N N 121 
GLU HB3  H N N 122 
GLU HG2  H N N 123 
GLU HG3  H N N 124 
GLU HE2  H N N 125 
GLU HXT  H N N 126 
GLY N    N N N 127 
GLY CA   C N N 128 
GLY C    C N N 129 
GLY O    O N N 130 
GLY OXT  O N N 131 
GLY H    H N N 132 
GLY H2   H N N 133 
GLY HA2  H N N 134 
GLY HA3  H N N 135 
GLY HXT  H N N 136 
HIS N    N N N 137 
HIS CA   C N S 138 
HIS C    C N N 139 
HIS O    O N N 140 
HIS CB   C N N 141 
HIS CG   C Y N 142 
HIS ND1  N Y N 143 
HIS CD2  C Y N 144 
HIS CE1  C Y N 145 
HIS NE2  N Y N 146 
HIS OXT  O N N 147 
HIS H    H N N 148 
HIS H2   H N N 149 
HIS HA   H N N 150 
HIS HB2  H N N 151 
HIS HB3  H N N 152 
HIS HD1  H N N 153 
HIS HD2  H N N 154 
HIS HE1  H N N 155 
HIS HE2  H N N 156 
HIS HXT  H N N 157 
HOH O    O N N 158 
HOH H1   H N N 159 
HOH H2   H N N 160 
LEU N    N N N 161 
LEU CA   C N S 162 
LEU C    C N N 163 
LEU O    O N N 164 
LEU CB   C N N 165 
LEU CG   C N N 166 
LEU CD1  C N N 167 
LEU CD2  C N N 168 
LEU OXT  O N N 169 
LEU H    H N N 170 
LEU H2   H N N 171 
LEU HA   H N N 172 
LEU HB2  H N N 173 
LEU HB3  H N N 174 
LEU HG   H N N 175 
LEU HD11 H N N 176 
LEU HD12 H N N 177 
LEU HD13 H N N 178 
LEU HD21 H N N 179 
LEU HD22 H N N 180 
LEU HD23 H N N 181 
LEU HXT  H N N 182 
LYS N    N N N 183 
LYS CA   C N S 184 
LYS C    C N N 185 
LYS O    O N N 186 
LYS CB   C N N 187 
LYS CG   C N N 188 
LYS CD   C N N 189 
LYS CE   C N N 190 
LYS NZ   N N N 191 
LYS OXT  O N N 192 
LYS H    H N N 193 
LYS H2   H N N 194 
LYS HA   H N N 195 
LYS HB2  H N N 196 
LYS HB3  H N N 197 
LYS HG2  H N N 198 
LYS HG3  H N N 199 
LYS HD2  H N N 200 
LYS HD3  H N N 201 
LYS HE2  H N N 202 
LYS HE3  H N N 203 
LYS HZ1  H N N 204 
LYS HZ2  H N N 205 
LYS HZ3  H N N 206 
LYS HXT  H N N 207 
MPD C1   C N N 208 
MPD C2   C N N 209 
MPD O2   O N N 210 
MPD CM   C N N 211 
MPD C3   C N N 212 
MPD C4   C N S 213 
MPD O4   O N N 214 
MPD C5   C N N 215 
MPD H11  H N N 216 
MPD H12  H N N 217 
MPD H13  H N N 218 
MPD HO2  H N N 219 
MPD HM1  H N N 220 
MPD HM2  H N N 221 
MPD HM3  H N N 222 
MPD H31  H N N 223 
MPD H32  H N N 224 
MPD H4   H N N 225 
MPD HO4  H N N 226 
MPD H51  H N N 227 
MPD H52  H N N 228 
MPD H53  H N N 229 
PRO N    N N N 230 
PRO CA   C N S 231 
PRO C    C N N 232 
PRO O    O N N 233 
PRO CB   C N N 234 
PRO CG   C N N 235 
PRO CD   C N N 236 
PRO OXT  O N N 237 
PRO H    H N N 238 
PRO HA   H N N 239 
PRO HB2  H N N 240 
PRO HB3  H N N 241 
PRO HG2  H N N 242 
PRO HG3  H N N 243 
PRO HD2  H N N 244 
PRO HD3  H N N 245 
PRO HXT  H N N 246 
SER N    N N N 247 
SER CA   C N S 248 
SER C    C N N 249 
SER O    O N N 250 
SER CB   C N N 251 
SER OG   O N N 252 
SER OXT  O N N 253 
SER H    H N N 254 
SER H2   H N N 255 
SER HA   H N N 256 
SER HB2  H N N 257 
SER HB3  H N N 258 
SER HG   H N N 259 
SER HXT  H N N 260 
THR N    N N N 261 
THR CA   C N S 262 
THR C    C N N 263 
THR O    O N N 264 
THR CB   C N R 265 
THR OG1  O N N 266 
THR CG2  C N N 267 
THR OXT  O N N 268 
THR H    H N N 269 
THR H2   H N N 270 
THR HA   H N N 271 
THR HB   H N N 272 
THR HG1  H N N 273 
THR HG21 H N N 274 
THR HG22 H N N 275 
THR HG23 H N N 276 
THR HXT  H N N 277 
TRP N    N N N 278 
TRP CA   C N S 279 
TRP C    C N N 280 
TRP O    O N N 281 
TRP CB   C N N 282 
TRP CG   C Y N 283 
TRP CD1  C Y N 284 
TRP CD2  C Y N 285 
TRP NE1  N Y N 286 
TRP CE2  C Y N 287 
TRP CE3  C Y N 288 
TRP CZ2  C Y N 289 
TRP CZ3  C Y N 290 
TRP CH2  C Y N 291 
TRP OXT  O N N 292 
TRP H    H N N 293 
TRP H2   H N N 294 
TRP HA   H N N 295 
TRP HB2  H N N 296 
TRP HB3  H N N 297 
TRP HD1  H N N 298 
TRP HE1  H N N 299 
TRP HE3  H N N 300 
TRP HZ2  H N N 301 
TRP HZ3  H N N 302 
TRP HH2  H N N 303 
TRP HXT  H N N 304 
TYR N    N N N 305 
TYR CA   C N S 306 
TYR C    C N N 307 
TYR O    O N N 308 
TYR CB   C N N 309 
TYR CG   C Y N 310 
TYR CD1  C Y N 311 
TYR CD2  C Y N 312 
TYR CE1  C Y N 313 
TYR CE2  C Y N 314 
TYR CZ   C Y N 315 
TYR OH   O N N 316 
TYR OXT  O N N 317 
TYR H    H N N 318 
TYR H2   H N N 319 
TYR HA   H N N 320 
TYR HB2  H N N 321 
TYR HB3  H N N 322 
TYR HD1  H N N 323 
TYR HD2  H N N 324 
TYR HE1  H N N 325 
TYR HE2  H N N 326 
TYR HH   H N N 327 
TYR HXT  H N N 328 
# 
loop_
_chem_comp_bond.comp_id 
_chem_comp_bond.atom_id_1 
_chem_comp_bond.atom_id_2 
_chem_comp_bond.value_order 
_chem_comp_bond.pdbx_aromatic_flag 
_chem_comp_bond.pdbx_stereo_config 
_chem_comp_bond.pdbx_ordinal 
ALA N   CA   sing N N 1   
ALA N   H    sing N N 2   
ALA N   H2   sing N N 3   
ALA CA  C    sing N N 4   
ALA CA  CB   sing N N 5   
ALA CA  HA   sing N N 6   
ALA C   O    doub N N 7   
ALA C   OXT  sing N N 8   
ALA CB  HB1  sing N N 9   
ALA CB  HB2  sing N N 10  
ALA CB  HB3  sing N N 11  
ALA OXT HXT  sing N N 12  
ARG N   CA   sing N N 13  
ARG N   H    sing N N 14  
ARG N   H2   sing N N 15  
ARG CA  C    sing N N 16  
ARG CA  CB   sing N N 17  
ARG CA  HA   sing N N 18  
ARG C   O    doub N N 19  
ARG C   OXT  sing N N 20  
ARG CB  CG   sing N N 21  
ARG CB  HB2  sing N N 22  
ARG CB  HB3  sing N N 23  
ARG CG  CD   sing N N 24  
ARG CG  HG2  sing N N 25  
ARG CG  HG3  sing N N 26  
ARG CD  NE   sing N N 27  
ARG CD  HD2  sing N N 28  
ARG CD  HD3  sing N N 29  
ARG NE  CZ   sing N N 30  
ARG NE  HE   sing N N 31  
ARG CZ  NH1  sing N N 32  
ARG CZ  NH2  doub N N 33  
ARG NH1 HH11 sing N N 34  
ARG NH1 HH12 sing N N 35  
ARG NH2 HH21 sing N N 36  
ARG NH2 HH22 sing N N 37  
ARG OXT HXT  sing N N 38  
ASN N   CA   sing N N 39  
ASN N   H    sing N N 40  
ASN N   H2   sing N N 41  
ASN CA  C    sing N N 42  
ASN CA  CB   sing N N 43  
ASN CA  HA   sing N N 44  
ASN C   O    doub N N 45  
ASN C   OXT  sing N N 46  
ASN CB  CG   sing N N 47  
ASN CB  HB2  sing N N 48  
ASN CB  HB3  sing N N 49  
ASN CG  OD1  doub N N 50  
ASN CG  ND2  sing N N 51  
ASN ND2 HD21 sing N N 52  
ASN ND2 HD22 sing N N 53  
ASN OXT HXT  sing N N 54  
ASP N   CA   sing N N 55  
ASP N   H    sing N N 56  
ASP N   H2   sing N N 57  
ASP CA  C    sing N N 58  
ASP CA  CB   sing N N 59  
ASP CA  HA   sing N N 60  
ASP C   O    doub N N 61  
ASP C   OXT  sing N N 62  
ASP CB  CG   sing N N 63  
ASP CB  HB2  sing N N 64  
ASP CB  HB3  sing N N 65  
ASP CG  OD1  doub N N 66  
ASP CG  OD2  sing N N 67  
ASP OD2 HD2  sing N N 68  
ASP OXT HXT  sing N N 69  
CYS N   CA   sing N N 70  
CYS N   H    sing N N 71  
CYS N   H2   sing N N 72  
CYS CA  C    sing N N 73  
CYS CA  CB   sing N N 74  
CYS CA  HA   sing N N 75  
CYS C   O    doub N N 76  
CYS C   OXT  sing N N 77  
CYS CB  SG   sing N N 78  
CYS CB  HB2  sing N N 79  
CYS CB  HB3  sing N N 80  
CYS SG  HG   sing N N 81  
CYS OXT HXT  sing N N 82  
GLN N   CA   sing N N 83  
GLN N   H    sing N N 84  
GLN N   H2   sing N N 85  
GLN CA  C    sing N N 86  
GLN CA  CB   sing N N 87  
GLN CA  HA   sing N N 88  
GLN C   O    doub N N 89  
GLN C   OXT  sing N N 90  
GLN CB  CG   sing N N 91  
GLN CB  HB2  sing N N 92  
GLN CB  HB3  sing N N 93  
GLN CG  CD   sing N N 94  
GLN CG  HG2  sing N N 95  
GLN CG  HG3  sing N N 96  
GLN CD  OE1  doub N N 97  
GLN CD  NE2  sing N N 98  
GLN NE2 HE21 sing N N 99  
GLN NE2 HE22 sing N N 100 
GLN OXT HXT  sing N N 101 
GLU N   CA   sing N N 102 
GLU N   H    sing N N 103 
GLU N   H2   sing N N 104 
GLU CA  C    sing N N 105 
GLU CA  CB   sing N N 106 
GLU CA  HA   sing N N 107 
GLU C   O    doub N N 108 
GLU C   OXT  sing N N 109 
GLU CB  CG   sing N N 110 
GLU CB  HB2  sing N N 111 
GLU CB  HB3  sing N N 112 
GLU CG  CD   sing N N 113 
GLU CG  HG2  sing N N 114 
GLU CG  HG3  sing N N 115 
GLU CD  OE1  doub N N 116 
GLU CD  OE2  sing N N 117 
GLU OE2 HE2  sing N N 118 
GLU OXT HXT  sing N N 119 
GLY N   CA   sing N N 120 
GLY N   H    sing N N 121 
GLY N   H2   sing N N 122 
GLY CA  C    sing N N 123 
GLY CA  HA2  sing N N 124 
GLY CA  HA3  sing N N 125 
GLY C   O    doub N N 126 
GLY C   OXT  sing N N 127 
GLY OXT HXT  sing N N 128 
HIS N   CA   sing N N 129 
HIS N   H    sing N N 130 
HIS N   H2   sing N N 131 
HIS CA  C    sing N N 132 
HIS CA  CB   sing N N 133 
HIS CA  HA   sing N N 134 
HIS C   O    doub N N 135 
HIS C   OXT  sing N N 136 
HIS CB  CG   sing N N 137 
HIS CB  HB2  sing N N 138 
HIS CB  HB3  sing N N 139 
HIS CG  ND1  sing Y N 140 
HIS CG  CD2  doub Y N 141 
HIS ND1 CE1  doub Y N 142 
HIS ND1 HD1  sing N N 143 
HIS CD2 NE2  sing Y N 144 
HIS CD2 HD2  sing N N 145 
HIS CE1 NE2  sing Y N 146 
HIS CE1 HE1  sing N N 147 
HIS NE2 HE2  sing N N 148 
HIS OXT HXT  sing N N 149 
HOH O   H1   sing N N 150 
HOH O   H2   sing N N 151 
LEU N   CA   sing N N 152 
LEU N   H    sing N N 153 
LEU N   H2   sing N N 154 
LEU CA  C    sing N N 155 
LEU CA  CB   sing N N 156 
LEU CA  HA   sing N N 157 
LEU C   O    doub N N 158 
LEU C   OXT  sing N N 159 
LEU CB  CG   sing N N 160 
LEU CB  HB2  sing N N 161 
LEU CB  HB3  sing N N 162 
LEU CG  CD1  sing N N 163 
LEU CG  CD2  sing N N 164 
LEU CG  HG   sing N N 165 
LEU CD1 HD11 sing N N 166 
LEU CD1 HD12 sing N N 167 
LEU CD1 HD13 sing N N 168 
LEU CD2 HD21 sing N N 169 
LEU CD2 HD22 sing N N 170 
LEU CD2 HD23 sing N N 171 
LEU OXT HXT  sing N N 172 
LYS N   CA   sing N N 173 
LYS N   H    sing N N 174 
LYS N   H2   sing N N 175 
LYS CA  C    sing N N 176 
LYS CA  CB   sing N N 177 
LYS CA  HA   sing N N 178 
LYS C   O    doub N N 179 
LYS C   OXT  sing N N 180 
LYS CB  CG   sing N N 181 
LYS CB  HB2  sing N N 182 
LYS CB  HB3  sing N N 183 
LYS CG  CD   sing N N 184 
LYS CG  HG2  sing N N 185 
LYS CG  HG3  sing N N 186 
LYS CD  CE   sing N N 187 
LYS CD  HD2  sing N N 188 
LYS CD  HD3  sing N N 189 
LYS CE  NZ   sing N N 190 
LYS CE  HE2  sing N N 191 
LYS CE  HE3  sing N N 192 
LYS NZ  HZ1  sing N N 193 
LYS NZ  HZ2  sing N N 194 
LYS NZ  HZ3  sing N N 195 
LYS OXT HXT  sing N N 196 
MPD C1  C2   sing N N 197 
MPD C1  H11  sing N N 198 
MPD C1  H12  sing N N 199 
MPD C1  H13  sing N N 200 
MPD C2  O2   sing N N 201 
MPD C2  CM   sing N N 202 
MPD C2  C3   sing N N 203 
MPD O2  HO2  sing N N 204 
MPD CM  HM1  sing N N 205 
MPD CM  HM2  sing N N 206 
MPD CM  HM3  sing N N 207 
MPD C3  C4   sing N N 208 
MPD C3  H31  sing N N 209 
MPD C3  H32  sing N N 210 
MPD C4  O4   sing N N 211 
MPD C4  C5   sing N N 212 
MPD C4  H4   sing N N 213 
MPD O4  HO4  sing N N 214 
MPD C5  H51  sing N N 215 
MPD C5  H52  sing N N 216 
MPD C5  H53  sing N N 217 
PRO N   CA   sing N N 218 
PRO N   CD   sing N N 219 
PRO N   H    sing N N 220 
PRO CA  C    sing N N 221 
PRO CA  CB   sing N N 222 
PRO CA  HA   sing N N 223 
PRO C   O    doub N N 224 
PRO C   OXT  sing N N 225 
PRO CB  CG   sing N N 226 
PRO CB  HB2  sing N N 227 
PRO CB  HB3  sing N N 228 
PRO CG  CD   sing N N 229 
PRO CG  HG2  sing N N 230 
PRO CG  HG3  sing N N 231 
PRO CD  HD2  sing N N 232 
PRO CD  HD3  sing N N 233 
PRO OXT HXT  sing N N 234 
SER N   CA   sing N N 235 
SER N   H    sing N N 236 
SER N   H2   sing N N 237 
SER CA  C    sing N N 238 
SER CA  CB   sing N N 239 
SER CA  HA   sing N N 240 
SER C   O    doub N N 241 
SER C   OXT  sing N N 242 
SER CB  OG   sing N N 243 
SER CB  HB2  sing N N 244 
SER CB  HB3  sing N N 245 
SER OG  HG   sing N N 246 
SER OXT HXT  sing N N 247 
THR N   CA   sing N N 248 
THR N   H    sing N N 249 
THR N   H2   sing N N 250 
THR CA  C    sing N N 251 
THR CA  CB   sing N N 252 
THR CA  HA   sing N N 253 
THR C   O    doub N N 254 
THR C   OXT  sing N N 255 
THR CB  OG1  sing N N 256 
THR CB  CG2  sing N N 257 
THR CB  HB   sing N N 258 
THR OG1 HG1  sing N N 259 
THR CG2 HG21 sing N N 260 
THR CG2 HG22 sing N N 261 
THR CG2 HG23 sing N N 262 
THR OXT HXT  sing N N 263 
TRP N   CA   sing N N 264 
TRP N   H    sing N N 265 
TRP N   H2   sing N N 266 
TRP CA  C    sing N N 267 
TRP CA  CB   sing N N 268 
TRP CA  HA   sing N N 269 
TRP C   O    doub N N 270 
TRP C   OXT  sing N N 271 
TRP CB  CG   sing N N 272 
TRP CB  HB2  sing N N 273 
TRP CB  HB3  sing N N 274 
TRP CG  CD1  doub Y N 275 
TRP CG  CD2  sing Y N 276 
TRP CD1 NE1  sing Y N 277 
TRP CD1 HD1  sing N N 278 
TRP CD2 CE2  doub Y N 279 
TRP CD2 CE3  sing Y N 280 
TRP NE1 CE2  sing Y N 281 
TRP NE1 HE1  sing N N 282 
TRP CE2 CZ2  sing Y N 283 
TRP CE3 CZ3  doub Y N 284 
TRP CE3 HE3  sing N N 285 
TRP CZ2 CH2  doub Y N 286 
TRP CZ2 HZ2  sing N N 287 
TRP CZ3 CH2  sing Y N 288 
TRP CZ3 HZ3  sing N N 289 
TRP CH2 HH2  sing N N 290 
TRP OXT HXT  sing N N 291 
TYR N   CA   sing N N 292 
TYR N   H    sing N N 293 
TYR N   H2   sing N N 294 
TYR CA  C    sing N N 295 
TYR CA  CB   sing N N 296 
TYR CA  HA   sing N N 297 
TYR C   O    doub N N 298 
TYR C   OXT  sing N N 299 
TYR CB  CG   sing N N 300 
TYR CB  HB2  sing N N 301 
TYR CB  HB3  sing N N 302 
TYR CG  CD1  doub Y N 303 
TYR CG  CD2  sing Y N 304 
TYR CD1 CE1  sing Y N 305 
TYR CD1 HD1  sing N N 306 
TYR CD2 CE2  doub Y N 307 
TYR CD2 HD2  sing N N 308 
TYR CE1 CZ   doub Y N 309 
TYR CE1 HE1  sing N N 310 
TYR CE2 CZ   sing Y N 311 
TYR CE2 HE2  sing N N 312 
TYR CZ  OH   sing N N 313 
TYR OH  HH   sing N N 314 
TYR OXT HXT  sing N N 315 
# 
_pdbx_initial_refinement_model.id               1 
_pdbx_initial_refinement_model.entity_id_list   ? 
_pdbx_initial_refinement_model.type             'experimental model' 
_pdbx_initial_refinement_model.source_name      PDB 
_pdbx_initial_refinement_model.accession_code   1HEV 
_pdbx_initial_refinement_model.details          'PDB ENTRY 1HEV' 
# 
_atom_sites.entry_id                    1Q9B 
_atom_sites.fract_transf_matrix[1][1]   -0.01616337 
_atom_sites.fract_transf_matrix[1][2]   0.00430309 
_atom_sites.fract_transf_matrix[1][3]   -0.02661792 
_atom_sites.fract_transf_matrix[2][1]   0.00678442 
_atom_sites.fract_transf_matrix[2][2]   0.01483914 
_atom_sites.fract_transf_matrix[2][3]   -0.00172083 
_atom_sites.fract_transf_matrix[3][1]   0.03338266 
_atom_sites.fract_transf_matrix[3][2]   -0.01794973 
_atom_sites.fract_transf_matrix[3][3]   -0.02317295 
_atom_sites.fract_transf_vector[1]      0.436847 
_atom_sites.fract_transf_vector[2]      0.210349 
_atom_sites.fract_transf_vector[3]      0.250810 
# 
loop_
_atom_type.symbol 
C 
N 
O 
S 
# 
loop_
_atom_site.group_PDB 
_atom_site.id 
_atom_site.type_symbol 
_atom_site.label_atom_id 
_atom_site.label_alt_id 
_atom_site.label_comp_id 
_atom_site.label_asym_id 
_atom_site.label_entity_id 
_atom_site.label_seq_id 
_atom_site.pdbx_PDB_ins_code 
_atom_site.Cartn_x 
_atom_site.Cartn_y 
_atom_site.Cartn_z 
_atom_site.occupancy 
_atom_site.B_iso_or_equiv 
_atom_site.pdbx_formal_charge 
_atom_site.auth_seq_id 
_atom_site.auth_comp_id 
_atom_site.auth_asym_id 
_atom_site.auth_atom_id 
_atom_site.pdbx_PDB_model_num 
ATOM   1   N N   A GLU A 1 1  ? 7.753   5.545   -7.134  0.72 14.97 ? 1   GLU A N   1 
ATOM   2   N N   B GLU A 1 1  ? 6.971   3.928   -5.333  0.28 14.40 ? 1   GLU A N   1 
ATOM   3   C CA  A GLU A 1 1  ? 6.792   4.774   -6.319  0.72 10.97 ? 1   GLU A CA  1 
ATOM   4   C CA  B GLU A 1 1  ? 6.918   5.274   -5.896  0.28 13.97 ? 1   GLU A CA  1 
ATOM   5   C C   A GLU A 1 1  ? 5.502   5.546   -6.280  0.72 12.63 ? 1   GLU A C   1 
ATOM   6   C C   B GLU A 1 1  ? 5.504   5.835   -5.931  0.28 14.02 ? 1   GLU A C   1 
ATOM   7   O O   A GLU A 1 1  ? 5.436   6.635   -6.854  0.72 14.08 ? 1   GLU A O   1 
ATOM   8   O O   B GLU A 1 1  ? 5.306   7.022   -6.221  0.28 15.15 ? 1   GLU A O   1 
ATOM   9   C CB  A GLU A 1 1  ? 7.399   4.538   -4.921  0.72 10.38 ? 1   GLU A CB  1 
ATOM   10  C CB  B GLU A 1 1  ? 7.547   5.320   -7.283  0.28 15.16 ? 1   GLU A CB  1 
ATOM   11  C CG  A GLU A 1 1  ? 8.217   3.241   -4.914  0.72 13.24 ? 1   GLU A CG  1 
ATOM   12  C CG  B GLU A 1 1  ? 8.149   6.648   -7.714  0.28 18.79 ? 1   GLU A CG  1 
ATOM   13  C CD  A GLU A 1 1  ? 9.619   3.451   -5.439  0.72 16.81 ? 1   GLU A CD  1 
ATOM   14  C CD  B GLU A 1 1  ? 9.435   6.452   -8.500  0.28 21.45 ? 1   GLU A CD  1 
ATOM   15  O OE1 A GLU A 1 1  ? 10.506  2.708   -4.995  0.72 22.75 ? 1   GLU A OE1 1 
ATOM   16  O OE1 B GLU A 1 1  ? 10.215  5.546   -8.115  0.28 28.35 ? 1   GLU A OE1 1 
ATOM   17  O OE2 A GLU A 1 1  ? 9.838   4.356   -6.255  0.72 20.36 ? 1   GLU A OE2 1 
ATOM   18  O OE2 B GLU A 1 1  ? 9.716   7.155   -9.483  0.28 25.51 ? 1   GLU A OE2 1 
ATOM   19  N N   . GLN A 1 2  ? 4.463   5.056   -5.638  1.00 13.62 ? 2   GLN A N   1 
ATOM   20  C CA  . GLN A 1 2  ? 3.140   5.656   -5.637  1.00 13.13 ? 2   GLN A CA  1 
ATOM   21  C C   . GLN A 1 2  ? 2.576   6.085   -4.307  1.00 13.49 ? 2   GLN A C   1 
ATOM   22  O O   . GLN A 1 2  ? 1.701   6.937   -4.201  1.00 16.01 ? 2   GLN A O   1 
ATOM   23  C CB  . GLN A 1 2  ? 2.186   4.596   -6.211  1.00 14.44 ? 2   GLN A CB  1 
ATOM   24  C CG  . GLN A 1 2  ? 2.478   4.223   -7.656  1.00 13.63 ? 2   GLN A CG  1 
ATOM   25  C CD  . GLN A 1 2  ? 1.474   3.255   -8.239  1.00 13.17 ? 2   GLN A CD  1 
ATOM   26  O OE1 . GLN A 1 2  ? 1.091   2.241   -7.639  1.00 12.85 ? 2   GLN A OE1 1 
ATOM   27  N NE2 . GLN A 1 2  ? 1.017   3.505   -9.452  1.00 12.87 ? 2   GLN A NE2 1 
ATOM   28  N N   . CYS A 1 3  ? 3.066   5.453   -3.222  1.00 12.08 ? 3   CYS A N   1 
ATOM   29  C CA  . CYS A 1 3  ? 2.465   5.682   -1.935  1.00 11.13 ? 3   CYS A CA  1 
ATOM   30  C C   . CYS A 1 3  ? 3.393   5.338   -0.807  1.00 11.60 ? 3   CYS A C   1 
ATOM   31  O O   . CYS A 1 3  ? 4.445   4.744   -1.031  1.00 12.58 ? 3   CYS A O   1 
ATOM   32  C CB  . CYS A 1 3  ? 1.238   4.752   -1.859  1.00 11.25 ? 3   CYS A CB  1 
ATOM   33  S SG  . CYS A 1 3  ? 1.552   2.989   -2.021  1.00 10.57 ? 3   CYS A SG  1 
ATOM   34  N N   . GLY A 1 4  ? 2.946   5.713   0.376   1.00 12.63 ? 4   GLY A N   1 
ATOM   35  C CA  . GLY A 1 4  ? 3.663   5.262   1.540   1.00 12.91 ? 4   GLY A CA  1 
ATOM   36  C C   . GLY A 1 4  ? 4.969   5.976   1.800   1.00 12.12 ? 4   GLY A C   1 
ATOM   37  O O   . GLY A 1 4  ? 5.196   7.089   1.336   1.00 14.48 ? 4   GLY A O   1 
ATOM   38  N N   . ARG A 1 5  ? 5.808   5.319   2.591   1.00 11.58 ? 5   ARG A N   1 
ATOM   39  C CA  . ARG A 1 5  ? 7.034   5.999   2.974   1.00 13.12 ? 5   ARG A CA  1 
ATOM   40  C C   . ARG A 1 5  ? 7.988   6.263   1.831   1.00 14.20 ? 5   ARG A C   1 
ATOM   41  O O   . ARG A 1 5  ? 8.830   7.125   1.949   1.00 19.87 ? 5   ARG A O   1 
ATOM   42  C CB  . ARG A 1 5  ? 7.698   5.226   4.121   1.00 13.14 ? 5   ARG A CB  1 
ATOM   43  C CG  . ARG A 1 5  ? 8.231   3.861   3.722   1.00 13.28 ? 5   ARG A CG  1 
ATOM   44  C CD  . ARG A 1 5  ? 8.725   3.109   4.968   1.00 14.31 ? 5   ARG A CD  1 
ATOM   45  N NE  . ARG A 1 5  ? 9.089   1.730   4.647   1.00 14.07 ? 5   ARG A NE  1 
ATOM   46  C CZ  . ARG A 1 5  ? 10.268  1.298   4.233   1.00 13.33 ? 5   ARG A CZ  1 
ATOM   47  N NH1 . ARG A 1 5  ? 10.432  0.012   3.978   1.00 14.96 ? 5   ARG A NH1 1 
ATOM   48  N NH2 . ARG A 1 5  ? 11.284  2.132   4.052   1.00 14.90 ? 5   ARG A NH2 1 
ATOM   49  N N   . GLN A 1 6  ? 7.827   5.536   0.742   1.00 13.77 ? 6   GLN A N   1 
ATOM   50  C CA  . GLN A 1 6  ? 8.616   5.720   -0.469  1.00 14.06 ? 6   GLN A CA  1 
ATOM   51  C C   . GLN A 1 6  ? 8.059   6.861   -1.329  1.00 16.20 ? 6   GLN A C   1 
ATOM   52  O O   . GLN A 1 6  ? 8.715   7.172   -2.343  1.00 21.32 ? 6   GLN A O   1 
ATOM   53  C CB  . GLN A 1 6  ? 8.639   4.419   -1.253  1.00 13.96 ? 6   GLN A CB  1 
ATOM   54  C CG  . GLN A 1 6  ? 9.357   3.284   -0.530  1.00 13.16 ? 6   GLN A CG  1 
ATOM   55  C CD  . GLN A 1 6  ? 8.358   2.450   0.282   1.00 12.30 ? 6   GLN A CD  1 
ATOM   56  O OE1 . GLN A 1 6  ? 7.177   2.815   0.390   1.00 11.81 ? 6   GLN A OE1 1 
ATOM   57  N NE2 . GLN A 1 6  ? 8.871   1.381   0.867   1.00 12.94 ? 6   GLN A NE2 1 
ATOM   58  N N   . ALA A 1 7  ? 6.934   7.446   -0.942  1.00 16.11 ? 7   ALA A N   1 
ATOM   59  C CA  . ALA A 1 7  ? 6.314   8.518   -1.717  1.00 17.99 ? 7   ALA A CA  1 
ATOM   60  C C   . ALA A 1 7  ? 5.650   9.562   -0.835  1.00 19.50 ? 7   ALA A C   1 
ATOM   61  O O   . ALA A 1 7  ? 4.513   9.997   -1.039  1.00 24.12 ? 7   ALA A O   1 
ATOM   62  C CB  . ALA A 1 7  ? 5.305   7.948   -2.677  1.00 18.95 ? 7   ALA A CB  1 
ATOM   63  N N   . GLY A 1 8  ? 6.405   9.982   0.185   1.00 23.38 ? 8   GLY A N   1 
ATOM   64  C CA  . GLY A 1 8  ? 5.956   11.038  1.052   1.00 24.98 ? 8   GLY A CA  1 
ATOM   65  C C   . GLY A 1 8  ? 4.731   10.820  1.869   1.00 23.27 ? 8   GLY A C   1 
ATOM   66  O O   . GLY A 1 8  ? 4.058   11.753  2.306   1.00 26.00 ? 8   GLY A O   1 
ATOM   67  N N   . GLY A 1 9  ? 4.411   9.558   2.103   1.00 20.45 ? 9   GLY A N   1 
ATOM   68  C CA  . GLY A 1 9  ? 3.264   9.212   2.892   1.00 19.67 ? 9   GLY A CA  1 
ATOM   69  C C   . GLY A 1 9  ? 1.940   9.304   2.174   1.00 20.11 ? 9   GLY A C   1 
ATOM   70  O O   . GLY A 1 9  ? 0.824   9.242   2.690   1.00 21.83 ? 9   GLY A O   1 
ATOM   71  N N   . LYS A 1 10 ? 2.060   9.441   0.851   1.00 18.99 ? 10  LYS A N   1 
ATOM   72  C CA  . LYS A 1 10 ? 0.829   9.522   0.102   1.00 19.17 ? 10  LYS A CA  1 
ATOM   73  C C   . LYS A 1 10 ? -0.096  8.325   0.197   1.00 16.06 ? 10  LYS A C   1 
ATOM   74  O O   . LYS A 1 10 ? 0.401   7.190   0.255   1.00 16.37 ? 10  LYS A O   1 
ATOM   75  C CB  . LYS A 1 10 ? 1.230   9.636   -1.387  1.00 23.78 ? 10  LYS A CB  1 
ATOM   76  C CG  . LYS A 1 10 ? 1.681   11.009  -1.850  1.00 31.75 ? 10  LYS A CG  1 
ATOM   77  C CD  . LYS A 1 10 ? 1.215   11.349  -3.257  1.00 37.97 ? 10  LYS A CD  1 
ATOM   78  C CE  . LYS A 1 10 ? 2.318   11.397  -4.273  1.00 42.28 ? 10  LYS A CE  1 
ATOM   79  N NZ  . LYS A 1 10 ? 1.865   11.119  -5.663  1.00 45.42 ? 10  LYS A NZ  1 
ATOM   80  N N   . LEU A 1 11 ? -1.394  8.498   0.156   1.00 16.42 ? 11  LEU A N   1 
ATOM   81  C CA  . LEU A 1 11 ? -2.386  7.438   0.093   1.00 17.09 ? 11  LEU A CA  1 
ATOM   82  C C   . LEU A 1 11 ? -2.626  7.106   -1.382  1.00 15.47 ? 11  LEU A C   1 
ATOM   83  O O   . LEU A 1 11 ? -2.460  7.926   -2.269  1.00 17.85 ? 11  LEU A O   1 
ATOM   84  C CB  . LEU A 1 11 ? -3.736  7.763   0.718   1.00 19.12 ? 11  LEU A CB  1 
ATOM   85  C CG  A LEU A 1 11 ? -3.852  7.756   2.247   0.52 22.02 ? 11  LEU A CG  1 
ATOM   86  C CG  B LEU A 1 11 ? -3.714  8.008   2.239   0.48 21.83 ? 11  LEU A CG  1 
ATOM   87  C CD1 A LEU A 1 11 ? -4.039  6.344   2.774   0.52 26.65 ? 11  LEU A CD1 1 
ATOM   88  C CD1 B LEU A 1 11 ? -5.125  8.273   2.761   0.48 24.38 ? 11  LEU A CD1 1 
ATOM   89  C CD2 A LEU A 1 11 ? -2.638  8.414   2.881   0.52 25.03 ? 11  LEU A CD2 1 
ATOM   90  C CD2 B LEU A 1 11 ? -3.088  6.850   3.005   0.48 24.21 ? 11  LEU A CD2 1 
ATOM   91  N N   . CYS A 1 12 ? -3.011  5.892   -1.669  1.00 14.62 ? 12  CYS A N   1 
ATOM   92  C CA  . CYS A 1 12 ? -3.355  5.454   -2.987  1.00 12.64 ? 12  CYS A CA  1 
ATOM   93  C C   . CYS A 1 12 ? -4.723  6.009   -3.380  1.00 13.86 ? 12  CYS A C   1 
ATOM   94  O O   . CYS A 1 12 ? -5.597  6.168   -2.533  1.00 17.40 ? 12  CYS A O   1 
ATOM   95  C CB  . CYS A 1 12 ? -3.484  3.936   -3.086  1.00 12.06 ? 12  CYS A CB  1 
ATOM   96  S SG  . CYS A 1 12 ? -1.916  3.084   -2.837  1.00 11.39 ? 12  CYS A SG  1 
ATOM   97  N N   . PRO A 1 13 ? -4.911  6.250   -4.666  1.00 14.89 ? 13  PRO A N   1 
ATOM   98  C CA  . PRO A 1 13 ? -6.252  6.635   -5.105  1.00 16.47 ? 13  PRO A CA  1 
ATOM   99  C C   . PRO A 1 13 ? -7.146  5.403   -5.018  1.00 16.21 ? 13  PRO A C   1 
ATOM   100 O O   . PRO A 1 13 ? -6.768  4.221   -4.907  1.00 16.12 ? 13  PRO A O   1 
ATOM   101 C CB  . PRO A 1 13 ? -6.068  7.051   -6.544  1.00 17.71 ? 13  PRO A CB  1 
ATOM   102 C CG  A PRO A 1 13 ? -4.618  7.122   -6.805  0.52 16.94 ? 13  PRO A CG  1 
ATOM   103 C CG  B PRO A 1 13 ? -4.913  6.218   -6.982  0.47 16.74 ? 13  PRO A CG  1 
ATOM   104 C CD  A PRO A 1 13 ? -3.933  6.261   -5.759  0.52 16.40 ? 13  PRO A CD  1 
ATOM   105 C CD  B PRO A 1 13 ? -3.970  6.166   -5.786  0.47 16.27 ? 13  PRO A CD  1 
ATOM   106 N N   . ASN A 1 14 ? -8.453  5.668   -5.069  1.00 17.68 ? 14  ASN A N   1 
ATOM   107 C CA  . ASN A 1 14 ? -9.452  4.666   -5.081  1.00 17.75 ? 14  ASN A CA  1 
ATOM   108 C C   . ASN A 1 14 ? -9.416  3.578   -4.024  1.00 17.58 ? 14  ASN A C   1 
ATOM   109 O O   . ASN A 1 14 ? -9.812  2.451   -4.260  1.00 18.85 ? 14  ASN A O   1 
ATOM   110 C CB  . ASN A 1 14 ? -9.531  3.942   -6.464  1.00 18.66 ? 14  ASN A CB  1 
ATOM   111 C CG  . ASN A 1 14 ? -10.881 3.422   -6.904  1.00 21.65 ? 14  ASN A CG  1 
ATOM   112 O OD1 . ASN A 1 14 ? -10.993 2.471   -7.728  1.00 28.09 ? 14  ASN A OD1 1 
ATOM   113 N ND2 . ASN A 1 14 ? -12.011 3.914   -6.459  1.00 20.44 ? 14  ASN A ND2 1 
ATOM   114 N N   . ASN A 1 15 ? -8.968  4.004   -2.838  1.00 19.30 ? 15  ASN A N   1 
ATOM   115 C CA  . ASN A 1 15 ? -8.937  3.107   -1.711  1.00 20.69 ? 15  ASN A CA  1 
ATOM   116 C C   . ASN A 1 15 ? -8.085  1.866   -1.869  1.00 17.71 ? 15  ASN A C   1 
ATOM   117 O O   . ASN A 1 15 ? -8.271  0.870   -1.198  1.00 21.39 ? 15  ASN A O   1 
ATOM   118 C CB  . ASN A 1 15 ? -10.362 2.583   -1.449  1.00 28.03 ? 15  ASN A CB  1 
ATOM   119 C CG  . ASN A 1 15 ? -11.236 3.461   -0.633  1.00 32.59 ? 15  ASN A CG  1 
ATOM   120 O OD1 . ASN A 1 15 ? -11.330 4.676   -0.860  1.00 42.04 ? 15  ASN A OD1 1 
ATOM   121 N ND2 . ASN A 1 15 ? -11.854 2.848   0.384   1.00 41.87 ? 15  ASN A ND2 1 
ATOM   122 N N   . LEU A 1 16 ? -7.137  1.942   -2.794  1.00 15.02 ? 16  LEU A N   1 
ATOM   123 C CA  . LEU A 1 16 ? -6.227  0.804   -2.976  1.00 11.28 ? 16  LEU A CA  1 
ATOM   124 C C   . LEU A 1 16 ? -5.264  0.699   -1.800  1.00 10.72 ? 16  LEU A C   1 
ATOM   125 O O   . LEU A 1 16 ? -4.930  1.681   -1.143  1.00 13.75 ? 16  LEU A O   1 
ATOM   126 C CB  . LEU A 1 16 ? -5.408  0.978   -4.266  1.00 11.29 ? 16  LEU A CB  1 
ATOM   127 C CG  . LEU A 1 16 ? -6.269  0.912   -5.558  1.00 14.12 ? 16  LEU A CG  1 
ATOM   128 C CD1 . LEU A 1 16 ? -5.430  1.344   -6.726  1.00 18.64 ? 16  LEU A CD1 1 
ATOM   129 C CD2 . LEU A 1 16 ? -6.868  -0.464  -5.700  1.00 18.67 ? 16  LEU A CD2 1 
ATOM   130 N N   . CYS A 1 17 ? -4.809  -0.522  -1.595  1.00 10.12 ? 17  CYS A N   1 
ATOM   131 C CA  . CYS A 1 17 ? -3.797  -0.767  -0.559  1.00 10.17 ? 17  CYS A CA  1 
ATOM   132 C C   . CYS A 1 17 ? -2.408  -0.342  -1.006  1.00 9.44  ? 17  CYS A C   1 
ATOM   133 O O   . CYS A 1 17 ? -2.098  -0.557  -2.177  1.00 10.28 ? 17  CYS A O   1 
ATOM   134 C CB  . CYS A 1 17 ? -3.678  -2.249  -0.276  1.00 11.52 ? 17  CYS A CB  1 
ATOM   135 S SG  . CYS A 1 17 ? -5.247  -3.071  0.098   1.00 13.51 ? 17  CYS A SG  1 
ATOM   136 N N   . CYS A 1 18 ? -1.640  0.236   -0.088  1.00 9.25  ? 18  CYS A N   1 
ATOM   137 C CA  . CYS A 1 18 ? -0.254  0.575   -0.371  1.00 8.65  ? 18  CYS A CA  1 
ATOM   138 C C   . CYS A 1 18 ? 0.655   -0.501  0.178   1.00 8.10  ? 18  CYS A C   1 
ATOM   139 O O   . CYS A 1 18 ? 0.704   -0.742  1.392   1.00 9.52  ? 18  CYS A O   1 
ATOM   140 C CB  . CYS A 1 18 ? 0.087   1.889   0.299   1.00 10.18 ? 18  CYS A CB  1 
ATOM   141 S SG  . CYS A 1 18 ? 1.765   2.409   -0.081  1.00 11.01 ? 18  CYS A SG  1 
ATOM   142 N N   . SER A 1 19 ? 1.347   -1.180  -0.741  1.00 8.56  ? 19  SER A N   1 
ATOM   143 C CA  . SER A 1 19 ? 2.235   -2.258  -0.356  1.00 8.51  ? 19  SER A CA  1 
ATOM   144 C C   . SER A 1 19 ? 3.446   -1.750  0.441   1.00 8.98  ? 19  SER A C   1 
ATOM   145 O O   . SER A 1 19 ? 3.756   -0.583  0.455   1.00 8.64  ? 19  SER A O   1 
ATOM   146 C CB  . SER A 1 19 ? 2.749   -3.038  -1.595  1.00 9.77  ? 19  SER A CB  1 
ATOM   147 O OG  . SER A 1 19 ? 3.830   -2.267  -2.156  1.00 9.54  ? 19  SER A OG  1 
ATOM   148 N N   . GLN A 1 20 ? 4.133   -2.722  1.036   1.00 8.52  ? 20  GLN A N   1 
ATOM   149 C CA  . GLN A 1 20 ? 5.333   -2.427  1.797   1.00 8.76  ? 20  GLN A CA  1 
ATOM   150 C C   . GLN A 1 20 ? 6.429   -1.757  0.985   1.00 9.08  ? 20  GLN A C   1 
ATOM   151 O O   . GLN A 1 20 ? 7.313   -1.153  1.591   1.00 11.65 ? 20  GLN A O   1 
ATOM   152 C CB  . GLN A 1 20 ? 5.884   -3.730  2.367   1.00 9.67  ? 20  GLN A CB  1 
ATOM   153 C CG  . GLN A 1 20 ? 6.381   -4.698  1.300   1.00 11.19 ? 20  GLN A CG  1 
ATOM   154 C CD  . GLN A 1 20 ? 6.834   -6.017  1.901   1.00 12.30 ? 20  GLN A CD  1 
ATOM   155 O OE1 . GLN A 1 20 ? 7.489   -5.993  2.934   1.00 13.80 ? 20  GLN A OE1 1 
ATOM   156 N NE2 . GLN A 1 20 ? 6.486   -7.111  1.269   1.00 14.39 ? 20  GLN A NE2 1 
ATOM   157 N N   . TRP A 1 21 ? 6.361   -1.849  -0.338  1.00 8.29  ? 21  TRP A N   1 
ATOM   158 C CA  . TRP A 1 21 ? 7.356   -1.252  -1.229  1.00 9.00  ? 21  TRP A CA  1 
ATOM   159 C C   . TRP A 1 21 ? 6.924   0.033   -1.905  1.00 10.00 ? 21  TRP A C   1 
ATOM   160 O O   . TRP A 1 21 ? 7.649   0.668   -2.665  1.00 13.14 ? 21  TRP A O   1 
ATOM   161 C CB  . TRP A 1 21 ? 7.785   -2.242  -2.309  1.00 10.54 ? 21  TRP A CB  1 
ATOM   162 C CG  . TRP A 1 21 ? 8.406   -3.468  -1.706  1.00 11.56 ? 21  TRP A CG  1 
ATOM   163 C CD1 . TRP A 1 21 ? 7.965   -4.750  -1.802  1.00 13.52 ? 21  TRP A CD1 1 
ATOM   164 C CD2 . TRP A 1 21 ? 9.586   -3.549  -0.891  1.00 12.43 ? 21  TRP A CD2 1 
ATOM   165 N NE1 . TRP A 1 21 ? 8.766   -5.622  -1.113  1.00 14.71 ? 21  TRP A NE1 1 
ATOM   166 C CE2 . TRP A 1 21 ? 9.770   -4.888  -0.556  1.00 14.59 ? 21  TRP A CE2 1 
ATOM   167 C CE3 . TRP A 1 21 ? 10.479  -2.571  -0.435  1.00 14.51 ? 21  TRP A CE3 1 
ATOM   168 C CZ2 . TRP A 1 21 ? 10.856  -5.333  0.242   1.00 17.41 ? 21  TRP A CZ2 1 
ATOM   169 C CZ3 . TRP A 1 21 ? 11.535  -3.001  0.342   1.00 17.08 ? 21  TRP A CZ3 1 
ATOM   170 C CH2 . TRP A 1 21 ? 11.691  -4.346  0.655   1.00 17.55 ? 21  TRP A CH2 1 
ATOM   171 N N   . GLY A 1 22 ? 5.720   0.492   -1.570  1.00 8.99  ? 22  GLY A N   1 
ATOM   172 C CA  . GLY A 1 22 ? 5.234   1.746   -2.089  1.00 9.71  ? 22  GLY A CA  1 
ATOM   173 C C   . GLY A 1 22 ? 4.426   1.721   -3.362  1.00 10.07 ? 22  GLY A C   1 
ATOM   174 O O   . GLY A 1 22 ? 4.386   2.712   -4.101  1.00 11.66 ? 22  GLY A O   1 
ATOM   175 N N   . TRP A 1 23 ? 3.762   0.629   -3.659  1.00 9.64  ? 23  TRP A N   1 
ATOM   176 C CA  . TRP A 1 23 ? 2.962   0.480   -4.870  1.00 9.01  ? 23  TRP A CA  1 
ATOM   177 C C   . TRP A 1 23 ? 1.516   0.186   -4.506  1.00 9.68  ? 23  TRP A C   1 
ATOM   178 O O   . TRP A 1 23 ? 1.285   -0.473  -3.482  1.00 10.22 ? 23  TRP A O   1 
ATOM   179 C CB  . TRP A 1 23 ? 3.565   -0.637  -5.732  1.00 11.19 ? 23  TRP A CB  1 
ATOM   180 C CG  . TRP A 1 23 ? 4.992   -0.341  -6.120  1.00 12.15 ? 23  TRP A CG  1 
ATOM   181 C CD1 . TRP A 1 23 ? 6.131   -0.829  -5.556  1.00 13.82 ? 23  TRP A CD1 1 
ATOM   182 C CD2 . TRP A 1 23 ? 5.379   0.559   -7.164  1.00 12.91 ? 23  TRP A CD2 1 
ATOM   183 N NE1 . TRP A 1 23 ? 7.198   -0.291  -6.200  1.00 14.80 ? 23  TRP A NE1 1 
ATOM   184 C CE2 . TRP A 1 23 ? 6.766   0.562   -7.193  1.00 13.92 ? 23  TRP A CE2 1 
ATOM   185 C CE3 . TRP A 1 23 ? 4.682   1.349   -8.073  1.00 14.50 ? 23  TRP A CE3 1 
ATOM   186 C CZ2 . TRP A 1 23 ? 7.507   1.320   -8.096  1.00 15.64 ? 23  TRP A CZ2 1 
ATOM   187 C CZ3 . TRP A 1 23 ? 5.396   2.113   -8.973  1.00 16.56 ? 23  TRP A CZ3 1 
ATOM   188 C CH2 . TRP A 1 23 ? 6.802   2.091   -8.972  1.00 16.83 ? 23  TRP A CH2 1 
ATOM   189 N N   . CYS A 1 24 ? 0.581   0.658   -5.312  1.00 9.93  ? 24  CYS A N   1 
ATOM   190 C CA  . CYS A 1 24 ? -0.836  0.527   -5.039  1.00 8.83  ? 24  CYS A CA  1 
ATOM   191 C C   . CYS A 1 24 ? -1.450  -0.692  -5.707  1.00 9.40  ? 24  CYS A C   1 
ATOM   192 O O   . CYS A 1 24 ? -1.224  -0.877  -6.902  1.00 10.64 ? 24  CYS A O   1 
ATOM   193 C CB  . CYS A 1 24 ? -1.546  1.789   -5.538  1.00 10.50 ? 24  CYS A CB  1 
ATOM   194 S SG  . CYS A 1 24 ? -1.043  3.264   -4.665  1.00 11.71 ? 24  CYS A SG  1 
ATOM   195 N N   . GLY A 1 25 ? -2.204  -1.488  -4.996  1.00 9.28  ? 25  GLY A N   1 
ATOM   196 C CA  . GLY A 1 25 ? -2.838  -2.671  -5.529  1.00 9.31  ? 25  GLY A CA  1 
ATOM   197 C C   . GLY A 1 25 ? -3.905  -3.192  -4.603  1.00 10.33 ? 25  GLY A C   1 
ATOM   198 O O   . GLY A 1 25 ? -4.233  -2.547  -3.591  1.00 11.49 ? 25  GLY A O   1 
ATOM   199 N N   . SER A 1 26 ? -4.454  -4.345  -4.965  1.00 12.70 ? 26  SER A N   1 
ATOM   200 C CA  . SER A 1 26 ? -5.621  -4.895  -4.288  1.00 13.80 ? 26  SER A CA  1 
ATOM   201 C C   . SER A 1 26 ? -5.548  -6.358  -3.885  1.00 14.74 ? 26  SER A C   1 
ATOM   202 O O   . SER A 1 26 ? -6.553  -6.878  -3.400  1.00 18.44 ? 26  SER A O   1 
ATOM   203 C CB  . SER A 1 26 ? -6.839  -4.759  -5.216  1.00 17.07 ? 26  SER A CB  1 
ATOM   204 O OG  A SER A 1 26 ? -7.035  -3.435  -5.615  0.49 22.83 ? 26  SER A OG  1 
ATOM   205 O OG  B SER A 1 26 ? -6.640  -5.467  -6.420  0.51 19.32 ? 26  SER A OG  1 
ATOM   206 N N   . THR A 1 27 ? -4.398  -6.954  -4.099  1.00 14.01 ? 27  THR A N   1 
ATOM   207 C CA  . THR A 1 27 ? -4.168  -8.356  -3.751  1.00 15.46 ? 27  THR A CA  1 
ATOM   208 C C   . THR A 1 27 ? -3.367  -8.473  -2.454  1.00 14.26 ? 27  THR A C   1 
ATOM   209 O O   . THR A 1 27 ? -2.882  -7.491  -1.868  1.00 12.95 ? 27  THR A O   1 
ATOM   210 C CB  . THR A 1 27 ? -3.482  -9.126  -4.876  1.00 18.14 ? 27  THR A CB  1 
ATOM   211 O OG1 . THR A 1 27 ? -2.287  -8.444  -5.253  1.00 21.74 ? 27  THR A OG1 1 
ATOM   212 C CG2 . THR A 1 27 ? -4.335  -9.128  -6.132  1.00 22.71 ? 27  THR A CG2 1 
ATOM   213 N N   . ASP A 1 28 ? -3.212  -9.693  -1.987  1.00 13.83 ? 28  ASP A N   1 
ATOM   214 C CA  . ASP A 1 28 ? -2.504  -9.932  -0.728  1.00 14.94 ? 28  ASP A CA  1 
ATOM   215 C C   . ASP A 1 28 ? -1.133  -9.273  -0.625  1.00 13.96 ? 28  ASP A C   1 
ATOM   216 O O   . ASP A 1 28 ? -0.817  -8.765  0.445   1.00 14.38 ? 28  ASP A O   1 
ATOM   217 C CB  . ASP A 1 28 ? -2.298  -11.411 -0.460  1.00 16.86 ? 28  ASP A CB  1 
ATOM   218 C CG  . ASP A 1 28 ? -3.544  -12.221 -0.130  1.00 17.17 ? 28  ASP A CG  1 
ATOM   219 O OD1 . ASP A 1 28 ? -4.444  -11.729 0.524   1.00 21.37 ? 28  ASP A OD1 1 
ATOM   220 O OD2 . ASP A 1 28 ? -3.461  -13.392 -0.582  1.00 20.15 ? 28  ASP A OD2 1 
ATOM   221 N N   . GLU A 1 29 ? -0.339  -9.305  -1.687  1.00 14.84 ? 29  GLU A N   1 
ATOM   222 C CA  . GLU A 1 29 ? 1.010   -8.724  -1.555  1.00 15.77 ? 29  GLU A CA  1 
ATOM   223 C C   . GLU A 1 29 ? 0.941   -7.216  -1.294  1.00 13.17 ? 29  GLU A C   1 
ATOM   224 O O   . GLU A 1 29 ? 1.941   -6.659  -0.844  1.00 13.28 ? 29  GLU A O   1 
ATOM   225 C CB  . GLU A 1 29 ? 1.867   -9.009  -2.777  1.00 20.37 ? 29  GLU A CB  1 
ATOM   226 C CG  A GLU A 1 29 ? 1.561   -8.152  -3.987  0.56 24.80 ? 29  GLU A CG  1 
ATOM   227 C CG  B GLU A 1 29 ? 2.101   -10.457 -3.167  0.44 24.10 ? 29  GLU A CG  1 
ATOM   228 C CD  A GLU A 1 29 ? 2.495   -8.462  -5.152  0.56 26.18 ? 29  GLU A CD  1 
ATOM   229 C CD  B GLU A 1 29 ? 0.922   -11.357 -3.446  0.44 26.66 ? 29  GLU A CD  1 
ATOM   230 O OE1 A GLU A 1 29 ? 3.648   -7.981  -5.150  0.56 27.12 ? 29  GLU A OE1 1 
ATOM   231 O OE1 B GLU A 1 29 ? -0.110  -10.962 -4.035  0.44 30.52 ? 29  GLU A OE1 1 
ATOM   232 O OE2 A GLU A 1 29 ? 2.076   -9.191  -6.081  0.56 32.18 ? 29  GLU A OE2 1 
ATOM   233 O OE2 B GLU A 1 29 ? 0.968   -12.540 -3.041  0.44 32.57 ? 29  GLU A OE2 1 
ATOM   234 N N   . TYR A 1 30 ? -0.191  -6.592  -1.592  1.00 11.75 ? 30  TYR A N   1 
ATOM   235 C CA  . TYR A 1 30 ? -0.328  -5.176  -1.338  1.00 10.12 ? 30  TYR A CA  1 
ATOM   236 C C   . TYR A 1 30 ? -1.084  -4.853  -0.066  1.00 9.74  ? 30  TYR A C   1 
ATOM   237 O O   . TYR A 1 30 ? -0.849  -3.840  0.584   1.00 11.81 ? 30  TYR A O   1 
ATOM   238 C CB  . TYR A 1 30 ? -1.124  -4.503  -2.486  1.00 11.37 ? 30  TYR A CB  1 
ATOM   239 C CG  . TYR A 1 30 ? -0.438  -4.597  -3.829  1.00 10.83 ? 30  TYR A CG  1 
ATOM   240 C CD1 . TYR A 1 30 ? -0.579  -5.723  -4.634  1.00 13.28 ? 30  TYR A CD1 1 
ATOM   241 C CD2 . TYR A 1 30 ? 0.362   -3.571  -4.309  1.00 11.72 ? 30  TYR A CD2 1 
ATOM   242 C CE1 . TYR A 1 30 ? 0.043   -5.827  -5.858  1.00 14.99 ? 30  TYR A CE1 1 
ATOM   243 C CE2 . TYR A 1 30 ? 0.991   -3.665  -5.519  1.00 12.16 ? 30  TYR A CE2 1 
ATOM   244 C CZ  . TYR A 1 30 ? 0.833   -4.794  -6.299  1.00 15.19 ? 30  TYR A CZ  1 
ATOM   245 O OH  . TYR A 1 30 ? 1.455   -4.910  -7.533  1.00 20.82 ? 30  TYR A OH  1 
ATOM   246 N N   . CYS A 1 31 ? -2.057  -5.723  0.257   1.00 11.00 ? 31  CYS A N   1 
ATOM   247 C CA  . CYS A 1 31 ? -3.036  -5.468  1.297   1.00 11.90 ? 31  CYS A CA  1 
ATOM   248 C C   . CYS A 1 31 ? -2.943  -6.167  2.626   1.00 11.92 ? 31  CYS A C   1 
ATOM   249 O O   . CYS A 1 31 ? -3.572  -5.740  3.592   1.00 14.22 ? 31  CYS A O   1 
ATOM   250 C CB  . CYS A 1 31 ? -4.420  -5.873  0.720   1.00 12.74 ? 31  CYS A CB  1 
ATOM   251 S SG  . CYS A 1 31 ? -4.991  -4.914  -0.687  1.00 14.18 ? 31  CYS A SG  1 
ATOM   252 N N   . SER A 1 32 ? -2.156  -7.242  2.656   1.00 12.47 ? 32  SER A N   1 
ATOM   253 C CA  . SER A 1 32 ? -2.089  -8.027  3.866   1.00 14.58 ? 32  SER A CA  1 
ATOM   254 C C   . SER A 1 32 ? -1.119  -7.529  4.915   1.00 14.49 ? 32  SER A C   1 
ATOM   255 O O   . SER A 1 32 ? 0.004   -7.154  4.574   1.00 14.11 ? 32  SER A O   1 
ATOM   256 C CB  . SER A 1 32 ? -1.678  -9.455  3.470   1.00 16.12 ? 32  SER A CB  1 
ATOM   257 O OG  . SER A 1 32 ? -1.771  -10.260 4.630   1.00 21.99 ? 32  SER A OG  1 
ATOM   258 N N   . PRO A 1 33 ? -1.519  -7.553  6.175   1.00 17.37 ? 33  PRO A N   1 
ATOM   259 C CA  . PRO A 1 33 ? -0.553  -7.201  7.231   1.00 18.35 ? 33  PRO A CA  1 
ATOM   260 C C   . PRO A 1 33 ? 0.655   -8.137  7.258   1.00 18.85 ? 33  PRO A C   1 
ATOM   261 O O   . PRO A 1 33 ? 1.758   -7.780  7.691   1.00 20.92 ? 33  PRO A O   1 
ATOM   262 C CB  . PRO A 1 33 ? -1.370  -7.339  8.519   1.00 21.42 ? 33  PRO A CB  1 
ATOM   263 C CG  A PRO A 1 33 ? -2.764  -6.993  8.043   0.71 21.43 ? 33  PRO A CG  1 
ATOM   264 C CG  B PRO A 1 33 ? -2.479  -8.277  8.144   0.29 20.45 ? 33  PRO A CG  1 
ATOM   265 C CD  A PRO A 1 33 ? -2.867  -7.784  6.752   0.71 19.81 ? 33  PRO A CD  1 
ATOM   266 C CD  B PRO A 1 33 ? -2.842  -7.890  6.736   0.29 19.60 ? 33  PRO A CD  1 
ATOM   267 N N   . ASP A 1 34 ? 0.476   -9.359  6.767   1.00 18.23 ? 34  ASP A N   1 
ATOM   268 C CA  . ASP A 1 34 ? 1.563   -10.336 6.743   1.00 21.92 ? 34  ASP A CA  1 
ATOM   269 C C   . ASP A 1 34 ? 2.652   -9.896  5.768   1.00 19.13 ? 34  ASP A C   1 
ATOM   270 O O   . ASP A 1 34 ? 3.797   -10.301 5.891   1.00 23.53 ? 34  ASP A O   1 
ATOM   271 C CB  . ASP A 1 34 ? 1.073   -11.747 6.407   1.00 24.56 ? 34  ASP A CB  1 
ATOM   272 C CG  . ASP A 1 34 ? 0.165   -12.268 7.523   1.00 29.26 ? 34  ASP A CG  1 
ATOM   273 O OD1 . ASP A 1 34 ? 0.473   -12.042 8.718   1.00 37.99 ? 34  ASP A OD1 1 
ATOM   274 O OD2 . ASP A 1 34 ? -0.887  -12.873 7.244   1.00 38.73 ? 34  ASP A OD2 1 
ATOM   275 N N   . HIS A 1 35 ? 2.261   -9.079  4.785   1.00 15.83 ? 35  HIS A N   1 
ATOM   276 C CA  . HIS A 1 35 ? 3.149   -8.504  3.791   1.00 15.33 ? 35  HIS A CA  1 
ATOM   277 C C   . HIS A 1 35 ? 3.460   -7.037  4.098   1.00 12.83 ? 35  HIS A C   1 
ATOM   278 O O   . HIS A 1 35 ? 3.957   -6.304  3.253   1.00 13.07 ? 35  HIS A O   1 
ATOM   279 C CB  . HIS A 1 35 ? 2.587   -8.631  2.376   1.00 17.67 ? 35  HIS A CB  1 
ATOM   280 C CG  . HIS A 1 35 ? 2.506   -10.066 1.926   1.00 22.16 ? 35  HIS A CG  1 
ATOM   281 N ND1 . HIS A 1 35 ? 3.599   -10.815 1.606   1.00 25.97 ? 35  HIS A ND1 1 
ATOM   282 C CD2 . HIS A 1 35 ? 1.442   -10.875 1.743   1.00 24.21 ? 35  HIS A CD2 1 
ATOM   283 C CE1 . HIS A 1 35 ? 3.205   -12.041 1.246   1.00 27.48 ? 35  HIS A CE1 1 
ATOM   284 N NE2 . HIS A 1 35 ? 1.885   -12.091 1.320   1.00 27.21 ? 35  HIS A NE2 1 
ATOM   285 N N   . ASN A 1 36 ? 3.255   -6.613  5.338   1.00 12.48 ? 36  ASN A N   1 
ATOM   286 C CA  . ASN A 1 36 ? 3.645   -5.278  5.773   1.00 12.00 ? 36  ASN A CA  1 
ATOM   287 C C   . ASN A 1 36 ? 2.961   -4.177  4.940   1.00 10.36 ? 36  ASN A C   1 
ATOM   288 O O   . ASN A 1 36 ? 3.576   -3.154  4.652   1.00 10.73 ? 36  ASN A O   1 
ATOM   289 C CB  . ASN A 1 36 ? 5.153   -5.096  5.744   1.00 13.30 ? 36  ASN A CB  1 
ATOM   290 C CG  . ASN A 1 36 ? 5.943   -6.153  6.500   1.00 13.93 ? 36  ASN A CG  1 
ATOM   291 O OD1 . ASN A 1 36 ? 5.739   -6.287  7.687   1.00 17.38 ? 36  ASN A OD1 1 
ATOM   292 N ND2 . ASN A 1 36 ? 6.790   -6.859  5.783   1.00 16.59 ? 36  ASN A ND2 1 
ATOM   293 N N   . CYS A 1 37 ? 1.685   -4.377  4.644   1.00 10.51 ? 37  CYS A N   1 
ATOM   294 C CA  . CYS A 1 37 ? 0.906   -3.316  3.992   1.00 9.87  ? 37  CYS A CA  1 
ATOM   295 C C   . CYS A 1 37 ? 1.021   -2.035  4.799   1.00 10.03 ? 37  CYS A C   1 
ATOM   296 O O   . CYS A 1 37 ? 0.996   -2.061  6.037   1.00 12.84 ? 37  CYS A O   1 
ATOM   297 C CB  . CYS A 1 37 ? -0.544  -3.780  3.858   1.00 10.96 ? 37  CYS A CB  1 
ATOM   298 S SG  . CYS A 1 37 ? -1.686  -2.478  3.384   1.00 11.18 ? 37  CYS A SG  1 
ATOM   299 N N   . GLN A 1 38 ? 1.175   -0.923  4.093   1.00 10.15 ? 38  GLN A N   1 
ATOM   300 C CA  . GLN A 1 38 ? 1.338   0.382   4.736   1.00 10.43 ? 38  GLN A CA  1 
ATOM   301 C C   . GLN A 1 38 ? 0.069   1.160   4.989   1.00 11.61 ? 38  GLN A C   1 
ATOM   302 O O   . GLN A 1 38 ? -0.017  1.883   5.964   1.00 14.82 ? 38  GLN A O   1 
ATOM   303 C CB  . GLN A 1 38 ? 2.236   1.277   3.865   1.00 10.27 ? 38  GLN A CB  1 
ATOM   304 C CG  . GLN A 1 38 ? 3.652   0.749   3.733   1.00 12.41 ? 38  GLN A CG  1 
ATOM   305 C CD  . GLN A 1 38 ? 4.574   1.812   3.163   1.00 11.21 ? 38  GLN A CD  1 
ATOM   306 O OE1 . GLN A 1 38 ? 4.918   2.831   3.770   1.00 13.43 ? 38  GLN A OE1 1 
ATOM   307 N NE2 . GLN A 1 38 ? 5.006   1.565   1.961   1.00 11.52 ? 38  GLN A NE2 1 
ATOM   308 N N   . SER A 1 39 ? -0.926  1.055   4.100   1.00 12.02 ? 39  SER A N   1 
ATOM   309 C CA  . SER A 1 39 ? -2.137  1.826   4.288   1.00 11.89 ? 39  SER A CA  1 
ATOM   310 C C   . SER A 1 39 ? -3.277  1.227   3.473   1.00 13.32 ? 39  SER A C   1 
ATOM   311 O O   . SER A 1 39 ? -3.049  0.484   2.494   1.00 12.25 ? 39  SER A O   1 
ATOM   312 C CB  . SER A 1 39 ? -1.977  3.294   3.873   1.00 14.03 ? 39  SER A CB  1 
ATOM   313 O OG  . SER A 1 39 ? -1.608  3.450   2.527   1.00 13.41 ? 39  SER A OG  1 
ATOM   314 N N   . ASN A 1 40 ? -4.514  1.525   3.875   1.00 14.51 ? 40  ASN A N   1 
ATOM   315 C CA  . ASN A 1 40 ? -5.741  1.049   3.303   1.00 14.23 ? 40  ASN A CA  1 
ATOM   316 C C   . ASN A 1 40 ? -5.694  -0.475  3.253   1.00 14.15 ? 40  ASN A C   1 
ATOM   317 O O   . ASN A 1 40 ? -6.114  -1.058  2.270   1.00 16.85 ? 40  ASN A O   1 
ATOM   318 C CB  . ASN A 1 40 ? -5.997  1.579   1.916   1.00 16.59 ? 40  ASN A CB  1 
ATOM   319 C CG  . ASN A 1 40 ? -6.670  2.909   1.727   1.00 20.95 ? 40  ASN A CG  1 
ATOM   320 O OD1 . ASN A 1 40 ? -6.213  3.819   0.999   1.00 27.41 ? 40  ASN A OD1 1 
ATOM   321 N ND2 . ASN A 1 40 ? -7.810  3.006   2.374   1.00 25.98 ? 40  ASN A ND2 1 
ATOM   322 N N   . CYS A 1 41 ? -5.167  -1.116  4.294   1.00 15.60 ? 41  CYS A N   1 
ATOM   323 C CA  . CYS A 1 41 ? -4.997  -2.560  4.339   1.00 15.42 ? 41  CYS A CA  1 
ATOM   324 C C   . CYS A 1 41 ? -6.261  -3.354  4.661   1.00 18.97 ? 41  CYS A C   1 
ATOM   325 O O   . CYS A 1 41 ? -7.241  -2.777  5.166   1.00 20.29 ? 41  CYS A O   1 
ATOM   326 C CB  . CYS A 1 41 ? -3.888  -2.890  5.366   1.00 15.10 ? 41  CYS A CB  1 
ATOM   327 S SG  . CYS A 1 41 ? -2.381  -1.874  5.187   1.00 13.94 ? 41  CYS A SG  1 
ATOM   328 N N   . LYS A 1 42 ? -6.205  -4.643  4.345   1.00 20.52 ? 42  LYS A N   1 
ATOM   329 C CA  . LYS A 1 42 ? -7.241  -5.652  4.577   1.00 25.70 ? 42  LYS A CA  1 
ATOM   330 C C   . LYS A 1 42 ? -6.823  -6.514  5.766   1.00 34.48 ? 42  LYS A C   1 
ATOM   331 O O   . LYS A 1 42 ? -5.921  -6.080  6.498   1.00 39.26 ? 42  LYS A O   1 
ATOM   332 C CB  . LYS A 1 42 ? -7.403  -6.503  3.333   1.00 25.35 ? 42  LYS A CB  1 
ATOM   333 C CG  . LYS A 1 42 ? -8.082  -5.922  2.109   1.00 27.56 ? 42  LYS A CG  1 
ATOM   334 C CD  . LYS A 1 42 ? -8.058  -6.951  0.971   1.00 30.13 ? 42  LYS A CD  1 
ATOM   335 C CE  . LYS A 1 42 ? -8.557  -6.373  -0.352  1.00 33.54 ? 42  LYS A CE  1 
ATOM   336 N NZ  . LYS A 1 42 ? -8.711  -7.399  -1.431  1.00 35.76 ? 42  LYS A NZ  1 
ATOM   337 N N   . ASP A 1 43 ? -7.376  -7.687  6.048   1.00 42.09 ? 43  ASP A N   1 
ATOM   338 C CA  . ASP A 1 43 ? -6.971  -8.552  7.148   1.00 46.92 ? 43  ASP A CA  1 
ATOM   339 C C   . ASP A 1 43 ? -7.696  -9.894  7.049   1.00 50.02 ? 43  ASP A C   1 
ATOM   340 O O   . ASP A 1 43 ? -7.926  -10.289 5.892   1.00 56.15 ? 43  ASP A O   1 
ATOM   341 C CB  . ASP A 1 43 ? -7.247  -7.900  8.506   1.00 48.39 ? 43  ASP A CB  1 
ATOM   342 C CG  . ASP A 1 43 ? -8.672  -7.375  8.533   1.00 49.48 ? 43  ASP A CG  1 
ATOM   343 O OD1 . ASP A 1 43 ? -9.578  -8.226  8.673   1.00 55.13 ? 43  ASP A OD1 1 
ATOM   344 O OD2 . ASP A 1 43 ? -8.885  -6.157  8.405   1.00 51.14 ? 43  ASP A OD2 1 
ATOM   345 O OXT . ASP A 1 43 ? -7.922  -10.326 8.199   1.00 53.73 ? 43  ASP A OXT 1 
HETATM 346 C C1  A MPD B 2 .  ? 12.256  -6.052  -5.299  0.59 22.80 ? 101 MPD A C1  1 
HETATM 347 C C1  B MPD B 2 .  ? 11.341  -2.118  -3.654  0.41 34.01 ? 101 MPD A C1  1 
HETATM 348 C C2  A MPD B 2 .  ? 10.949  -5.415  -4.852  0.59 30.37 ? 101 MPD A C2  1 
HETATM 349 C C2  B MPD B 2 .  ? 12.308  -3.187  -4.147  0.41 32.36 ? 101 MPD A C2  1 
HETATM 350 O O2  A MPD B 2 .  ? 10.515  -6.267  -3.777  0.59 29.63 ? 101 MPD A O2  1 
HETATM 351 O O2  B MPD B 2 .  ? 13.034  -3.607  -2.985  0.41 33.76 ? 101 MPD A O2  1 
HETATM 352 C CM  A MPD B 2 .  ? 10.029  -5.389  -6.020  0.59 31.24 ? 101 MPD A CM  1 
HETATM 353 C CM  B MPD B 2 .  ? 13.147  -2.547  -5.205  0.41 34.54 ? 101 MPD A CM  1 
HETATM 354 C C3  A MPD B 2 .  ? 11.070  -4.028  -4.233  0.59 31.53 ? 101 MPD A C3  1 
HETATM 355 C C3  B MPD B 2 .  ? 11.741  -4.485  -4.707  0.41 31.29 ? 101 MPD A C3  1 
HETATM 356 C C4  A MPD B 2 .  ? 12.192  -3.103  -4.685  0.59 32.27 ? 101 MPD A C4  1 
HETATM 357 C C4  B MPD B 2 .  ? 10.555  -4.463  -5.656  0.41 31.36 ? 101 MPD A C4  1 
HETATM 358 O O4  A MPD B 2 .  ? 11.781  -2.241  -5.717  0.59 34.61 ? 101 MPD A O4  1 
HETATM 359 O O4  B MPD B 2 .  ? 10.885  -4.848  -6.963  0.41 32.46 ? 101 MPD A O4  1 
HETATM 360 C C5  A MPD B 2 .  ? 12.661  -2.221  -3.531  0.59 32.39 ? 101 MPD A C5  1 
HETATM 361 C C5  B MPD B 2 .  ? 9.463   -5.440  -5.209  0.41 32.71 ? 101 MPD A C5  1 
HETATM 362 C C1  A MPD C 2 .  ? 6.721   -4.288  -9.579  0.53 39.29 ? 102 MPD A C1  1 
HETATM 363 C C1  B MPD C 2 .  ? 4.447   -5.152  -8.652  0.47 40.77 ? 102 MPD A C1  1 
HETATM 364 C C2  A MPD C 2 .  ? 6.655   -3.210  -8.514  0.53 40.40 ? 102 MPD A C2  1 
HETATM 365 C C2  B MPD C 2 .  ? 4.638   -3.669  -8.385  0.47 39.50 ? 102 MPD A C2  1 
HETATM 366 O O2  A MPD C 2 .  ? 7.921   -2.542  -8.604  0.53 41.79 ? 102 MPD A O2  1 
HETATM 367 O O2  B MPD C 2 .  ? 3.303   -3.244  -8.023  0.47 40.18 ? 102 MPD A O2  1 
HETATM 368 C CM  A MPD C 2 .  ? 5.469   -2.379  -8.846  0.53 39.95 ? 102 MPD A CM  1 
HETATM 369 C CM  B MPD C 2 .  ? 5.596   -3.597  -7.238  0.47 40.10 ? 102 MPD A CM  1 
HETATM 370 C C3  A MPD C 2 .  ? 6.610   -3.709  -7.066  0.53 40.98 ? 102 MPD A C3  1 
HETATM 371 C C3  B MPD C 2 .  ? 5.023   -2.704  -9.486  0.47 39.30 ? 102 MPD A C3  1 
HETATM 372 C C4  A MPD C 2 .  ? 5.450   -4.589  -6.652  0.53 39.91 ? 102 MPD A C4  1 
HETATM 373 C C4  B MPD C 2 .  ? 6.334   -2.633  -10.209 0.47 39.76 ? 102 MPD A C4  1 
HETATM 374 O O4  A MPD C 2 .  ? 4.190   -4.117  -7.070  0.53 37.81 ? 102 MPD A O4  1 
HETATM 375 O O4  B MPD C 2 .  ? 7.146   -1.530  -9.906  0.47 39.45 ? 102 MPD A O4  1 
HETATM 376 C C5  A MPD C 2 .  ? 5.582   -6.044  -7.045  0.53 40.64 ? 102 MPD A C5  1 
HETATM 377 C C5  B MPD C 2 .  ? 7.226   -3.853  -10.081 0.47 40.07 ? 102 MPD A C5  1 
HETATM 378 O O   . HOH D 3 .  ? 2.557   -5.063  1.334   1.00 12.66 ? 201 HOH A O   1 
HETATM 379 O O   . HOH D 3 .  ? 0.305   5.304   2.352   1.00 15.14 ? 202 HOH A O   1 
HETATM 380 O O   . HOH D 3 .  ? -3.271  3.639   0.277   1.00 17.35 ? 203 HOH A O   1 
HETATM 381 O O   . HOH D 3 .  ? 4.774   -3.883  -4.043  1.00 16.47 ? 204 HOH A O   1 
HETATM 382 O O   . HOH D 3 .  ? 5.351   -1.441  5.854   1.00 18.61 ? 205 HOH A O   1 
HETATM 383 O O   . HOH D 3 .  ? 7.636   -0.719  4.272   1.00 16.82 ? 206 HOH A O   1 
HETATM 384 O O   . HOH D 3 .  ? 10.235  0.707   -3.456  1.00 24.72 ? 207 HOH A O   1 
HETATM 385 O O   . HOH D 3 .  ? -6.594  -9.261  -1.178  1.00 24.85 ? 208 HOH A O   1 
HETATM 386 O O   . HOH D 3 .  ? 11.828  0.789   0.602   1.00 22.33 ? 209 HOH A O   1 
HETATM 387 O O   . HOH D 3 .  ? -8.602  0.042   5.262   1.00 39.02 ? 210 HOH A O   1 
HETATM 388 O O   . HOH D 3 .  ? 9.376   -7.973  3.085   1.00 33.70 ? 211 HOH A O   1 
HETATM 389 O O   . HOH D 3 .  ? -3.256  -5.785  -7.208  1.00 30.54 ? 212 HOH A O   1 
HETATM 390 O O   . HOH D 3 .  ? -0.575  -3.824  7.717   1.00 35.06 ? 213 HOH A O   1 
HETATM 391 O O   . HOH D 3 .  ? -2.594  11.141  0.257   1.00 34.76 ? 214 HOH A O   1 
HETATM 392 O O   . HOH D 3 .  ? -7.903  5.567   -0.883  1.00 46.76 ? 215 HOH A O   1 
HETATM 393 O O   . HOH D 3 .  ? -0.083  -0.559  8.073   1.00 41.77 ? 216 HOH A O   1 
HETATM 394 O O   . HOH D 3 .  ? -5.154  -9.378  1.518   1.00 28.62 ? 217 HOH A O   1 
HETATM 395 O O   . HOH D 3 .  ? -0.637  -5.573  -9.240  1.00 36.25 ? 218 HOH A O   1 
HETATM 396 O O   . HOH D 3 .  ? -0.991  7.627   -4.811  1.00 39.71 ? 219 HOH A O   1 
HETATM 397 O O   . HOH D 3 .  ? -4.616  0.201   7.102   1.00 23.12 ? 220 HOH A O   1 
HETATM 398 O O   . HOH D 3 .  ? 4.682   9.446   -6.637  1.00 44.87 ? 221 HOH A O   1 
HETATM 399 O O   . HOH D 3 .  ? -13.180 2.906   -4.001  1.00 25.01 ? 222 HOH A O   1 
HETATM 400 O O   . HOH D 3 .  ? -5.136  -3.123  -8.067  1.00 41.81 ? 223 HOH A O   1 
HETATM 401 O O   . HOH D 3 .  ? 9.780   -0.534  -5.328  1.00 43.31 ? 224 HOH A O   1 
HETATM 402 O O   . HOH D 3 .  ? 5.331   -6.395  -3.723  1.00 34.43 ? 225 HOH A O   1 
HETATM 403 O O   . HOH D 3 .  ? 6.607   -9.748  2.345   1.00 38.29 ? 226 HOH A O   1 
HETATM 404 O O   . HOH D 3 .  ? 12.358  0.916   -2.015  1.00 40.64 ? 227 HOH A O   1 
HETATM 405 O O   . HOH D 3 .  ? -8.489  -2.011  0.912   1.00 44.10 ? 228 HOH A O   1 
HETATM 406 O O   . HOH D 3 .  ? -7.603  -9.725  -4.375  1.00 45.49 ? 229 HOH A O   1 
HETATM 407 O O   . HOH D 3 .  ? -2.998  -1.089  8.368   1.00 39.13 ? 230 HOH A O   1 
HETATM 408 O O   . HOH D 3 .  ? 8.819   -8.450  -1.378  1.00 41.24 ? 231 HOH A O   1 
HETATM 409 O O   . HOH D 3 .  ? 4.696   -6.983  -1.121  1.00 23.80 ? 232 HOH A O   1 
HETATM 410 O O   . HOH D 3 .  ? -0.119  -13.997 1.066   1.00 39.12 ? 233 HOH A O   1 
HETATM 411 O O   . HOH D 3 .  ? -1.757  -14.368 -2.069  1.00 32.11 ? 234 HOH A O   1 
HETATM 412 O O   . HOH D 3 .  ? 1.696   -7.149  -8.797  1.00 45.87 ? 235 HOH A O   1 
HETATM 413 O O   . HOH D 3 .  ? -1.351  -12.864 2.635   1.00 48.59 ? 236 HOH A O   1 
HETATM 414 O O   . HOH D 3 .  ? -5.766  -9.277  4.201   1.00 31.86 ? 237 HOH A O   1 
HETATM 415 O O   . HOH D 3 .  ? 8.152   9.589   3.646   1.00 40.45 ? 238 HOH A O   1 
HETATM 416 O O   . HOH D 3 .  ? -12.224 5.056   -2.925  1.00 38.49 ? 239 HOH A O   1 
# 
loop_
_atom_site_anisotrop.id 
_atom_site_anisotrop.type_symbol 
_atom_site_anisotrop.pdbx_label_atom_id 
_atom_site_anisotrop.pdbx_label_alt_id 
_atom_site_anisotrop.pdbx_label_comp_id 
_atom_site_anisotrop.pdbx_label_asym_id 
_atom_site_anisotrop.pdbx_label_seq_id 
_atom_site_anisotrop.pdbx_PDB_ins_code 
_atom_site_anisotrop.U[1][1] 
_atom_site_anisotrop.U[2][2] 
_atom_site_anisotrop.U[3][3] 
_atom_site_anisotrop.U[1][2] 
_atom_site_anisotrop.U[1][3] 
_atom_site_anisotrop.U[2][3] 
_atom_site_anisotrop.pdbx_auth_seq_id 
_atom_site_anisotrop.pdbx_auth_comp_id 
_atom_site_anisotrop.pdbx_auth_asym_id 
_atom_site_anisotrop.pdbx_auth_atom_id 
1   N N   A GLU A 1  ? 0.2068 0.2090 0.1529 -0.1036 0.0154  0.0515  1   GLU A N   
2   N N   B GLU A 1  ? 0.1443 0.2077 0.1951 -0.0482 0.0176  0.0289  1   GLU A N   
3   C CA  A GLU A 1  ? 0.1828 0.1524 0.0815 -0.0796 0.0069  -0.0006 1   GLU A CA  
4   C CA  B GLU A 1  ? 0.1989 0.1868 0.1451 -0.0621 0.0013  -0.0057 1   GLU A CA  
5   C C   A GLU A 1  ? 0.1984 0.1815 0.0998 -0.0529 -0.0144 -0.0125 1   GLU A C   
6   C C   B GLU A 1  ? 0.2102 0.1721 0.1505 -0.0469 -0.0134 0.0035  1   GLU A C   
7   O O   A GLU A 1  ? 0.2379 0.1747 0.1225 -0.0373 0.0229  -0.0085 1   GLU A O   
8   O O   B GLU A 1  ? 0.2950 0.1751 0.1052 -0.0255 0.0363  0.0113  1   GLU A O   
9   C CB  A GLU A 1  ? 0.1575 0.1498 0.0870 -0.0656 0.0047  -0.0199 1   GLU A CB  
10  C CB  B GLU A 1  ? 0.2233 0.2111 0.1417 -0.0653 0.0001  -0.0026 1   GLU A CB  
11  C CG  A GLU A 1  ? 0.1444 0.1922 0.1668 -0.0382 0.0269  0.0230  1   GLU A CG  
12  C CG  B GLU A 1  ? 0.2749 0.2341 0.2049 -0.0612 0.0263  0.0530  1   GLU A CG  
13  C CD  A GLU A 1  ? 0.1361 0.2529 0.2499 -0.0407 0.0272  0.0715  1   GLU A CD  
14  C CD  B GLU A 1  ? 0.2728 0.2719 0.2704 -0.0668 0.0499  0.0656  1   GLU A CD  
15  O OE1 A GLU A 1  ? 0.1532 0.3622 0.3492 0.0059  0.0574  0.1555  1   GLU A OE1 
16  O OE1 B GLU A 1  ? 0.4052 0.2596 0.4123 0.0422  0.0919  0.0146  1   GLU A OE1 
17  O OE2 A GLU A 1  ? 0.1500 0.3556 0.2681 -0.0310 0.0371  0.1363  1   GLU A OE2 
18  O OE2 B GLU A 1  ? 0.3511 0.3083 0.3097 -0.1488 0.0929  0.0647  1   GLU A OE2 
19  N N   . GLN A 2  ? 0.1930 0.1844 0.1402 -0.0274 0.0038  0.0175  2   GLN A N   
20  C CA  . GLN A 2  ? 0.2048 0.1524 0.1418 -0.0298 0.0009  0.0171  2   GLN A CA  
21  C C   . GLN A 2  ? 0.1965 0.1621 0.1539 -0.0047 -0.0074 0.0061  2   GLN A C   
22  O O   . GLN A 2  ? 0.2291 0.1880 0.1913 0.0237  -0.0094 0.0092  2   GLN A O   
23  C CB  . GLN A 2  ? 0.2014 0.2142 0.1329 -0.0614 0.0226  0.0020  2   GLN A CB  
24  C CG  . GLN A 2  ? 0.2005 0.1968 0.1206 -0.0408 0.0085  0.0133  2   GLN A CG  
25  C CD  . GLN A 2  ? 0.1825 0.1792 0.1386 -0.0208 -0.0077 0.0176  2   GLN A CD  
26  O OE1 . GLN A 2  ? 0.1702 0.1711 0.1469 -0.0039 -0.0013 0.0268  2   GLN A OE1 
27  N NE2 . GLN A 2  ? 0.1872 0.2038 0.0979 -0.0310 0.0284  0.0053  2   GLN A NE2 
28  N N   . CYS A 3  ? 0.1814 0.1335 0.1443 -0.0164 0.0014  -0.0036 3   CYS A N   
29  C CA  . CYS A 3  ? 0.1503 0.1201 0.1526 0.0021  -0.0068 -0.0048 3   CYS A CA  
30  C C   . CYS A 3  ? 0.1544 0.1379 0.1483 0.0015  -0.0041 0.0071  3   CYS A C   
31  O O   . CYS A 3  ? 0.1754 0.1334 0.1692 0.0237  -0.0139 -0.0081 3   CYS A O   
32  C CB  . CYS A 3  ? 0.1527 0.1171 0.1576 0.0069  0.0025  -0.0121 3   CYS A CB  
33  S SG  . CYS A 3  ? 0.1432 0.1207 0.1376 -0.0010 -0.0016 0.0002  3   CYS A SG  
34  N N   . GLY A 4  ? 0.1535 0.1654 0.1608 0.0113  -0.0119 -0.0150 4   GLY A N   
35  C CA  . GLY A 4  ? 0.1520 0.1891 0.1494 -0.0058 -0.0083 -0.0069 4   GLY A CA  
36  C C   . GLY A 4  ? 0.1608 0.1553 0.1443 -0.0061 -0.0028 -0.0232 4   GLY A C   
37  O O   . GLY A 4  ? 0.2026 0.1460 0.2016 0.0013  -0.0079 -0.0077 4   GLY A O   
38  N N   . ARG A 5  ? 0.1628 0.1547 0.1226 -0.0117 -0.0090 -0.0269 5   ARG A N   
39  C CA  . ARG A 5  ? 0.1775 0.1628 0.1581 -0.0159 -0.0236 -0.0393 5   ARG A CA  
40  C C   . ARG A 5  ? 0.1643 0.1951 0.1801 -0.0364 -0.0190 -0.0220 5   ARG A C   
41  O O   . ARG A 5  ? 0.2549 0.2298 0.2702 -0.1032 -0.0132 -0.0329 5   ARG A O   
42  C CB  . ARG A 5  ? 0.1503 0.1732 0.1756 -0.0239 -0.0270 -0.0288 5   ARG A CB  
43  C CG  . ARG A 5  ? 0.1334 0.1870 0.1840 -0.0054 -0.0273 -0.0246 5   ARG A CG  
44  C CD  . ARG A 5  ? 0.1515 0.2034 0.1886 0.0049  -0.0301 -0.0242 5   ARG A CD  
45  N NE  . ARG A 5  ? 0.1410 0.2141 0.1797 0.0223  -0.0144 -0.0124 5   ARG A NE  
46  C CZ  . ARG A 5  ? 0.1406 0.2016 0.1644 0.0141  -0.0153 0.0053  5   ARG A CZ  
47  N NH1 . ARG A 5  ? 0.1280 0.1912 0.2495 0.0243  -0.0079 0.0316  5   ARG A NH1 
48  N NH2 . ARG A 5  ? 0.1211 0.2024 0.2428 0.0201  -0.0336 -0.0151 5   ARG A NH2 
49  N N   . GLN A 6  ? 0.1521 0.1937 0.1775 -0.0442 0.0115  -0.0225 6   GLN A N   
50  C CA  . GLN A 6  ? 0.1726 0.1753 0.1863 -0.0354 0.0136  -0.0063 6   GLN A CA  
51  C C   . GLN A 6  ? 0.2170 0.1837 0.2151 -0.0293 0.0062  0.0110  6   GLN A C   
52  O O   . GLN A 6  ? 0.2986 0.2597 0.2516 -0.0166 0.0536  0.0616  6   GLN A O   
53  C CB  . GLN A 6  ? 0.1985 0.1784 0.1535 -0.0428 0.0293  0.0065  6   GLN A CB  
54  C CG  . GLN A 6  ? 0.1636 0.1720 0.1643 -0.0304 0.0387  -0.0052 6   GLN A CG  
55  C CD  . GLN A 6  ? 0.1482 0.1607 0.1583 -0.0207 0.0299  0.0009  6   GLN A CD  
56  O OE1 . GLN A 6  ? 0.1443 0.1516 0.1530 -0.0313 0.0126  -0.0240 6   GLN A OE1 
57  N NE2 . GLN A 6  ? 0.1662 0.1643 0.1612 -0.0081 0.0372  -0.0052 6   GLN A NE2 
58  N N   . ALA A 7  ? 0.2173 0.1788 0.2161 -0.0273 -0.0069 0.0208  7   ALA A N   
59  C CA  . ALA A 7  ? 0.2297 0.1871 0.2666 -0.0186 -0.0265 0.0181  7   ALA A CA  
60  C C   . ALA A 7  ? 0.2368 0.1914 0.3129 -0.0177 -0.0116 0.0019  7   ALA A C   
61  O O   . ALA A 7  ? 0.2815 0.2455 0.3895 0.0445  -0.0310 0.0044  7   ALA A O   
62  C CB  . ALA A 7  ? 0.2315 0.2413 0.2472 -0.0240 -0.0277 0.0232  7   ALA A CB  
63  N N   . GLY A 8  ? 0.2793 0.2551 0.3539 -0.0373 -0.0163 -0.0631 8   GLY A N   
64  C CA  . GLY A 8  ? 0.3572 0.2378 0.3541 -0.0269 -0.0004 -0.0477 8   GLY A CA  
65  C C   . GLY A 8  ? 0.3326 0.2240 0.3278 -0.0275 -0.0199 -0.0770 8   GLY A C   
66  O O   . GLY A 8  ? 0.3068 0.2148 0.4661 -0.0350 -0.0160 -0.0878 8   GLY A O   
67  N N   . GLY A 9  ? 0.3062 0.2149 0.2556 -0.0243 -0.0367 -0.0974 9   GLY A N   
68  C CA  . GLY A 9  ? 0.3235 0.1914 0.2325 -0.0181 -0.0256 -0.1182 9   GLY A CA  
69  C C   . GLY A 9  ? 0.3043 0.2071 0.2528 -0.0065 -0.0124 -0.0761 9   GLY A C   
70  O O   . GLY A 9  ? 0.3158 0.2231 0.2904 0.0225  0.0150  -0.0430 9   GLY A O   
71  N N   . LYS A 10 ? 0.2824 0.1668 0.2724 -0.0123 -0.0174 -0.0063 10  LYS A N   
72  C CA  . LYS A 10 ? 0.2976 0.1577 0.2731 0.0201  -0.0247 -0.0246 10  LYS A CA  
73  C C   . LYS A 10 ? 0.2759 0.1464 0.1879 0.0312  -0.0389 -0.0510 10  LYS A C   
74  O O   . LYS A 10 ? 0.2663 0.1570 0.1986 0.0392  -0.0052 0.0061  10  LYS A O   
75  C CB  . LYS A 10 ? 0.3532 0.2745 0.2756 -0.0283 -0.0132 0.0067  10  LYS A CB  
76  C CG  . LYS A 10 ? 0.5035 0.3233 0.3795 -0.0606 0.0081  0.0753  10  LYS A CG  
77  C CD  . LYS A 10 ? 0.6249 0.4571 0.3606 -0.0643 0.0460  0.1357  10  LYS A CD  
78  C CE  . LYS A 10 ? 0.6375 0.5721 0.3967 -0.0893 0.0726  0.0717  10  LYS A CE  
79  N NZ  . LYS A 10 ? 0.7918 0.5700 0.3641 -0.0627 0.0716  0.1020  10  LYS A NZ  
80  N N   . LEU A 11 ? 0.2833 0.1310 0.2094 0.0429  -0.0260 -0.0376 11  LEU A N   
81  C CA  . LEU A 11 ? 0.2675 0.1727 0.2093 0.0267  -0.0177 -0.0267 11  LEU A CA  
82  C C   . LEU A 11 ? 0.2329 0.1615 0.1933 0.0001  0.0019  -0.0115 11  LEU A C   
83  O O   . LEU A 11 ? 0.3066 0.1473 0.2242 0.0236  -0.0221 0.0079  11  LEU A O   
84  C CB  . LEU A 11 ? 0.2792 0.2388 0.2086 0.0369  -0.0138 -0.0788 11  LEU A CB  
85  C CG  A LEU A 11 ? 0.3239 0.3045 0.2083 0.0417  -0.0109 -0.0627 11  LEU A CG  
86  C CG  B LEU A 11 ? 0.3324 0.2917 0.2054 0.0444  -0.0195 -0.0710 11  LEU A CG  
87  C CD1 A LEU A 11 ? 0.4376 0.3350 0.2400 0.0167  -0.0166 -0.0207 11  LEU A CD1 
88  C CD1 B LEU A 11 ? 0.3778 0.2998 0.2488 0.0528  0.0383  -0.1017 11  LEU A CD1 
89  C CD2 A LEU A 11 ? 0.3844 0.3175 0.2493 0.0562  -0.0809 -0.0915 11  LEU A CD2 
90  C CD2 B LEU A 11 ? 0.3645 0.3185 0.2370 0.0306  -0.0309 -0.0284 11  LEU A CD2 
91  N N   . CYS A 12 ? 0.2409 0.1536 0.1610 0.0154  -0.0227 0.0138  12  CYS A N   
92  C CA  . CYS A 12 ? 0.1803 0.1382 0.1618 0.0173  -0.0125 0.0133  12  CYS A CA  
93  C C   . CYS A 12 ? 0.1862 0.1348 0.2055 0.0378  -0.0149 -0.0021 12  CYS A C   
94  O O   . CYS A 12 ? 0.2293 0.2185 0.2136 0.0735  0.0041  -0.0080 12  CYS A O   
95  C CB  . CYS A 12 ? 0.1717 0.1390 0.1477 0.0388  0.0010  0.0129  12  CYS A CB  
96  S SG  . CYS A 12 ? 0.1482 0.1480 0.1366 0.0211  -0.0061 0.0005  12  CYS A SG  
97  N N   . PRO A 13 ? 0.1871 0.1770 0.2018 0.0625  -0.0242 -0.0014 13  PRO A N   
98  C CA  . PRO A 13 ? 0.1942 0.2069 0.2245 0.0725  -0.0182 0.0115  13  PRO A CA  
99  C C   . PRO A 13 ? 0.1774 0.2080 0.2304 0.0729  -0.0423 -0.0134 13  PRO A C   
100 O O   . PRO A 13 ? 0.1892 0.2026 0.2208 0.0708  -0.0403 -0.0072 13  PRO A O   
101 C CB  . PRO A 13 ? 0.2126 0.2416 0.2185 0.0825  -0.0332 0.0114  13  PRO A CB  
102 C CG  A PRO A 13 ? 0.2153 0.2260 0.2023 0.0680  -0.0198 0.0097  13  PRO A CG  
103 C CG  B PRO A 13 ? 0.2028 0.2315 0.2018 0.0650  -0.0289 -0.0014 13  PRO A CG  
104 C CD  A PRO A 13 ? 0.1937 0.2250 0.2042 0.0625  -0.0208 0.0075  13  PRO A CD  
105 C CD  B PRO A 13 ? 0.1930 0.2234 0.2019 0.0639  -0.0224 0.0024  13  PRO A CD  
106 N N   . ASN A 14 ? 0.1742 0.2392 0.2585 0.0837  -0.0293 -0.0040 14  ASN A N   
107 C CA  . ASN A 14 ? 0.1556 0.2290 0.2897 0.0983  -0.0269 -0.0036 14  ASN A CA  
108 C C   . ASN A 14 ? 0.1565 0.2288 0.2828 0.0747  -0.0561 -0.0117 14  ASN A C   
109 O O   . ASN A 14 ? 0.1740 0.2439 0.2984 0.0472  -0.0520 -0.0025 14  ASN A O   
110 C CB  . ASN A 14 ? 0.1981 0.2256 0.2852 0.0718  -0.0397 0.0098  14  ASN A CB  
111 C CG  . ASN A 14 ? 0.2392 0.2654 0.3180 0.0334  -0.0660 0.0077  14  ASN A CG  
112 O OD1 . ASN A 14 ? 0.3281 0.3313 0.4079 0.0486  -0.1126 -0.0683 14  ASN A OD1 
113 N ND2 . ASN A 14 ? 0.2011 0.2987 0.2769 -0.0069 -0.0443 0.0442  14  ASN A ND2 
114 N N   . ASN A 15 ? 0.2121 0.2694 0.2519 0.0991  -0.0137 -0.0518 15  ASN A N   
115 C CA  . ASN A 15 ? 0.2214 0.3212 0.2435 0.0698  0.0191  -0.0296 15  ASN A CA  
116 C C   . ASN A 15 ? 0.1769 0.2816 0.2144 0.0385  0.0060  0.0074  15  ASN A C   
117 O O   . ASN A 15 ? 0.2288 0.3316 0.2525 0.0309  0.0396  0.0469  15  ASN A O   
118 C CB  . ASN A 15 ? 0.2046 0.4219 0.4384 0.0868  0.0493  0.0345  15  ASN A CB  
119 C CG  . ASN A 15 ? 0.2813 0.4632 0.4940 0.0971  0.1308  0.0414  15  ASN A CG  
120 O OD1 . ASN A 15 ? 0.4507 0.4815 0.6653 0.2316  0.1016  0.0687  15  ASN A OD1 
121 N ND2 . ASN A 15 ? 0.3975 0.7131 0.4803 0.0235  0.1680  0.0657  15  ASN A ND2 
122 N N   . LEU A 16 ? 0.1760 0.2105 0.1844 0.0508  -0.0123 0.0117  16  LEU A N   
123 C CA  . LEU A 16 ? 0.1620 0.1396 0.1271 0.0055  -0.0156 0.0337  16  LEU A CA  
124 C C   . LEU A 16 ? 0.1189 0.1478 0.1408 -0.0156 -0.0098 0.0176  16  LEU A C   
125 O O   . LEU A 16 ? 0.1955 0.1752 0.1516 0.0077  -0.0209 -0.0088 16  LEU A O   
126 C CB  . LEU A 16 ? 0.1549 0.1309 0.1430 0.0048  -0.0058 0.0332  16  LEU A CB  
127 C CG  . LEU A 16 ? 0.2104 0.1988 0.1272 -0.0041 -0.0046 0.0136  16  LEU A CG  
128 C CD1 . LEU A 16 ? 0.1864 0.3848 0.1371 -0.0134 0.0061  0.0242  16  LEU A CD1 
129 C CD2 . LEU A 16 ? 0.3185 0.2153 0.1756 -0.0321 -0.0377 -0.0269 16  LEU A CD2 
130 N N   . CYS A 17 ? 0.0805 0.1657 0.1383 0.0028  -0.0120 0.0065  17  CYS A N   
131 C CA  . CYS A 17 ? 0.0906 0.1734 0.1225 0.0046  -0.0078 -0.0041 17  CYS A CA  
132 C C   . CYS A 17 ? 0.0897 0.1699 0.0991 0.0075  -0.0060 -0.0027 17  CYS A C   
133 O O   . CYS A 17 ? 0.1189 0.1633 0.1083 -0.0014 0.0061  -0.0175 17  CYS A O   
134 C CB  . CYS A 17 ? 0.1003 0.1825 0.1550 0.0104  0.0063  0.0314  17  CYS A CB  
135 S SG  . CYS A 17 ? 0.1094 0.2118 0.1923 -0.0071 0.0032  0.0361  17  CYS A SG  
136 N N   . CYS A 18 ? 0.0950 0.1590 0.0975 0.0022  -0.0048 0.0063  18  CYS A N   
137 C CA  . CYS A 18 ? 0.0979 0.1431 0.0878 0.0056  0.0011  0.0027  18  CYS A CA  
138 C C   . CYS A 18 ? 0.0988 0.1149 0.0939 -0.0097 -0.0008 0.0061  18  CYS A C   
139 O O   . CYS A 18 ? 0.1282 0.1294 0.1042 0.0041  0.0039  0.0106  18  CYS A O   
140 C CB  . CYS A 18 ? 0.1297 0.1256 0.1315 0.0092  -0.0079 0.0044  18  CYS A CB  
141 S SG  . CYS A 18 ? 0.1386 0.1328 0.1471 -0.0085 -0.0131 0.0046  18  CYS A SG  
142 N N   . SER A 19 ? 0.0854 0.1290 0.1111 -0.0075 0.0051  0.0048  19  SER A N   
143 C CA  . SER A 19 ? 0.0914 0.1249 0.1071 -0.0069 -0.0029 -0.0018 19  SER A CA  
144 C C   . SER A 19 ? 0.1161 0.1082 0.1170 -0.0070 -0.0199 -0.0045 19  SER A C   
145 O O   . SER A 19 ? 0.1147 0.1077 0.1059 -0.0077 -0.0007 0.0022  19  SER A O   
146 C CB  . SER A 19 ? 0.1127 0.1485 0.1100 -0.0085 0.0075  -0.0168 19  SER A CB  
147 O OG  . SER A 19 ? 0.1301 0.1316 0.1009 -0.0014 0.0077  0.0018  19  SER A OG  
148 N N   . GLN A 20 ? 0.1075 0.1061 0.1100 -0.0004 -0.0115 -0.0137 20  GLN A N   
149 C CA  . GLN A 20 ? 0.1139 0.1326 0.0863 -0.0047 -0.0127 -0.0056 20  GLN A CA  
150 C C   . GLN A 20 ? 0.0998 0.1341 0.1112 -0.0013 -0.0090 -0.0029 20  GLN A C   
151 O O   . GLN A 20 ? 0.1143 0.1884 0.1400 -0.0218 -0.0092 -0.0180 20  GLN A O   
152 C CB  . GLN A 20 ? 0.0972 0.1386 0.1315 -0.0056 -0.0124 0.0088  20  GLN A CB  
153 C CG  . GLN A 20 ? 0.1260 0.1391 0.1603 0.0084  0.0008  0.0046  20  GLN A CG  
154 C CD  . GLN A 20 ? 0.1671 0.1432 0.1573 0.0158  0.0020  0.0027  20  GLN A CD  
155 O OE1 . GLN A 20 ? 0.1736 0.1446 0.2063 0.0137  -0.0401 0.0056  20  GLN A OE1 
156 N NE2 . GLN A 20 ? 0.1683 0.1422 0.2364 -0.0007 -0.0579 0.0029  20  GLN A NE2 
157 N N   . TRP A 21 ? 0.0779 0.1220 0.1152 -0.0088 0.0031  -0.0112 21  TRP A N   
158 C CA  . TRP A 21 ? 0.0785 0.1366 0.1269 -0.0131 0.0073  -0.0108 21  TRP A CA  
159 C C   . TRP A 21 ? 0.0965 0.1572 0.1263 -0.0067 0.0018  0.0107  21  TRP A C   
160 O O   . TRP A 21 ? 0.1465 0.1832 0.1695 -0.0112 0.0377  0.0244  21  TRP A O   
161 C CB  . TRP A 21 ? 0.1215 0.1633 0.1155 -0.0057 0.0112  -0.0193 21  TRP A CB  
162 C CG  . TRP A 21 ? 0.1456 0.1690 0.1246 0.0140  0.0027  -0.0240 21  TRP A CG  
163 C CD1 . TRP A 21 ? 0.1765 0.1653 0.1719 0.0170  -0.0208 -0.0252 21  TRP A CD1 
164 C CD2 . TRP A 21 ? 0.1264 0.1932 0.1527 0.0230  0.0068  -0.0181 21  TRP A CD2 
165 N NE1 . TRP A 21 ? 0.1650 0.1798 0.2140 0.0334  -0.0042 -0.0146 21  TRP A NE1 
166 C CE2 . TRP A 21 ? 0.1700 0.2001 0.1842 0.0386  -0.0149 -0.0151 21  TRP A CE2 
167 C CE3 . TRP A 21 ? 0.1117 0.2257 0.2138 0.0014  -0.0171 0.0110  21  TRP A CE3 
168 C CZ2 . TRP A 21 ? 0.1782 0.2334 0.2497 0.0552  -0.0346 -0.0007 21  TRP A CZ2 
169 C CZ3 . TRP A 21 ? 0.1738 0.2567 0.2184 0.0158  -0.0548 0.0020  21  TRP A CZ3 
170 C CH2 . TRP A 21 ? 0.1871 0.2638 0.2160 0.0346  -0.0398 0.0118  21  TRP A CH2 
171 N N   . GLY A 22 ? 0.1099 0.1245 0.1071 -0.0007 0.0037  -0.0080 22  GLY A N   
172 C CA  . GLY A 22 ? 0.1018 0.1228 0.1441 -0.0171 -0.0161 -0.0030 22  GLY A CA  
173 C C   . GLY A 22 ? 0.1499 0.1115 0.1212 -0.0025 -0.0205 -0.0142 22  GLY A C   
174 O O   . GLY A 22 ? 0.1566 0.1444 0.1423 -0.0068 -0.0022 0.0127  22  GLY A O   
175 N N   . TRP A 23 ? 0.1236 0.1312 0.1113 -0.0089 -0.0047 -0.0163 23  TRP A N   
176 C CA  . TRP A 23 ? 0.1125 0.1089 0.1209 -0.0063 -0.0104 -0.0090 23  TRP A CA  
177 C C   . TRP A 23 ? 0.1157 0.1335 0.1185 0.0001  -0.0009 0.0045  23  TRP A C   
178 O O   . TRP A 23 ? 0.1341 0.1418 0.1122 -0.0013 0.0077  -0.0007 23  TRP A O   
179 C CB  . TRP A 23 ? 0.1489 0.1525 0.1240 0.0053  0.0105  -0.0303 23  TRP A CB  
180 C CG  . TRP A 23 ? 0.1517 0.1825 0.1276 0.0075  0.0135  -0.0207 23  TRP A CG  
181 C CD1 . TRP A 23 ? 0.1527 0.2097 0.1626 0.0034  0.0114  0.0026  23  TRP A CD1 
182 C CD2 . TRP A 23 ? 0.1665 0.2016 0.1225 -0.0095 0.0051  -0.0198 23  TRP A CD2 
183 N NE1 . TRP A 23 ? 0.1582 0.2356 0.1683 -0.0069 0.0078  0.0150  23  TRP A NE1 
184 C CE2 . TRP A 23 ? 0.1682 0.2037 0.1571 -0.0094 0.0144  -0.0054 23  TRP A CE2 
185 C CE3 . TRP A 23 ? 0.1884 0.2137 0.1487 0.0069  0.0152  0.0089  23  TRP A CE3 
186 C CZ2 . TRP A 23 ? 0.1939 0.2184 0.1822 -0.0384 0.0169  0.0057  23  TRP A CZ2 
187 C CZ3 . TRP A 23 ? 0.2198 0.2507 0.1587 -0.0200 0.0114  0.0223  23  TRP A CZ3 
188 C CH2 . TRP A 23 ? 0.2219 0.2518 0.1661 -0.0371 0.0146  0.0163  23  TRP A CH2 
189 N N   . CYS A 24 ? 0.1073 0.1452 0.1248 0.0032  0.0048  0.0039  24  CYS A N   
190 C CA  . CYS A 24 ? 0.1083 0.1344 0.0929 -0.0004 0.0044  0.0021  24  CYS A CA  
191 C C   . CYS A 24 ? 0.1179 0.1390 0.1003 -0.0013 0.0085  -0.0113 24  CYS A C   
192 O O   . CYS A 24 ? 0.1748 0.1299 0.0996 -0.0052 0.0088  -0.0001 24  CYS A O   
193 C CB  . CYS A 24 ? 0.1256 0.1472 0.1259 0.0202  -0.0089 -0.0018 24  CYS A CB  
194 S SG  . CYS A 24 ? 0.1609 0.1374 0.1467 -0.0012 0.0000  0.0076  24  CYS A SG  
195 N N   . GLY A 25 ? 0.1565 0.1007 0.0955 0.0110  0.0109  -0.0084 25  GLY A N   
196 C CA  . GLY A 25 ? 0.1271 0.1264 0.1001 0.0067  -0.0132 -0.0068 25  GLY A CA  
197 C C   . GLY A 25 ? 0.1236 0.1466 0.1223 -0.0012 -0.0086 -0.0101 25  GLY A C   
198 O O   . GLY A 25 ? 0.1488 0.1735 0.1143 -0.0169 0.0128  -0.0059 25  GLY A O   
199 N N   . SER A 26 ? 0.1612 0.1690 0.1523 -0.0358 -0.0045 -0.0100 26  SER A N   
200 C CA  . SER A 26 ? 0.1450 0.2008 0.1784 -0.0243 -0.0059 0.0315  26  SER A CA  
201 C C   . SER A 26 ? 0.1559 0.1814 0.2227 -0.0424 -0.0031 0.0112  26  SER A C   
202 O O   . SER A 26 ? 0.1724 0.2400 0.2883 -0.0416 0.0146  0.0752  26  SER A O   
203 C CB  . SER A 26 ? 0.1565 0.2649 0.2270 -0.0104 -0.0281 0.0133  26  SER A CB  
204 O OG  A SER A 26 ? 0.2045 0.2797 0.3830 0.0264  -0.1287 0.0299  26  SER A OG  
205 O OG  B SER A 26 ? 0.1848 0.3118 0.2377 0.0259  -0.0744 -0.0168 26  SER A OG  
206 N N   . THR A 27 ? 0.1573 0.1815 0.1935 -0.0381 -0.0164 0.0449  27  THR A N   
207 C CA  . THR A 27 ? 0.1866 0.1604 0.2403 -0.0461 -0.0504 0.0180  27  THR A CA  
208 C C   . THR A 27 ? 0.1664 0.1394 0.2359 -0.0153 -0.0394 0.0106  27  THR A C   
209 O O   . THR A 27 ? 0.1801 0.1283 0.1836 -0.0188 -0.0140 0.0181  27  THR A O   
210 C CB  . THR A 27 ? 0.2491 0.2030 0.2372 -0.0264 -0.0482 0.0015  27  THR A CB  
211 O OG1 . THR A 27 ? 0.2996 0.2823 0.2441 -0.0673 0.0120  -0.0226 27  THR A OG1 
212 C CG2 . THR A 27 ? 0.3941 0.2188 0.2498 -0.0526 -0.1076 0.0112  27  THR A CG2 
213 N N   . ASP A 28 ? 0.1772 0.1323 0.2160 -0.0178 -0.0239 -0.0034 28  ASP A N   
214 C CA  . ASP A 28 ? 0.1863 0.1699 0.2113 -0.0083 -0.0162 0.0161  28  ASP A CA  
215 C C   . ASP A 28 ? 0.1677 0.1435 0.2193 0.0113  -0.0273 0.0089  28  ASP A C   
216 O O   . ASP A 28 ? 0.1829 0.1740 0.1895 -0.0118 -0.0163 0.0339  28  ASP A O   
217 C CB  . ASP A 28 ? 0.2243 0.1685 0.2479 -0.0293 -0.0294 0.0350  28  ASP A CB  
218 C CG  . ASP A 28 ? 0.2291 0.1932 0.2303 -0.0450 -0.0323 0.0173  28  ASP A CG  
219 O OD1 . ASP A 28 ? 0.2671 0.2743 0.2705 -0.0546 0.0179  -0.0024 28  ASP A OD1 
220 O OD2 . ASP A 28 ? 0.2752 0.1943 0.2960 -0.0612 -0.0679 -0.0083 28  ASP A OD2 
221 N N   . GLU A 29 ? 0.1690 0.1695 0.2254 -0.0127 -0.0281 -0.0238 29  GLU A N   
222 C CA  . GLU A 29 ? 0.1626 0.1695 0.2672 -0.0038 -0.0115 -0.0313 29  GLU A CA  
223 C C   . GLU A 29 ? 0.1480 0.1595 0.1932 -0.0168 0.0086  0.0116  29  GLU A C   
224 O O   . GLU A 29 ? 0.1577 0.1603 0.1867 0.0008  -0.0161 -0.0079 29  GLU A O   
225 C CB  . GLU A 29 ? 0.2360 0.2078 0.3304 -0.0071 0.0627  -0.0474 29  GLU A CB  
226 C CG  A GLU A 29 ? 0.3464 0.2880 0.3079 -0.0142 0.0787  -0.0175 29  GLU A CG  
227 C CG  B GLU A 29 ? 0.2983 0.2302 0.3870 0.0050  0.0421  -0.1006 29  GLU A CG  
228 C CD  A GLU A 29 ? 0.3345 0.3265 0.3336 -0.0494 0.0906  -0.0471 29  GLU A CD  
229 C CD  B GLU A 29 ? 0.3462 0.2393 0.4274 -0.0244 0.0226  -0.1031 29  GLU A CD  
230 O OE1 A GLU A 29 ? 0.3119 0.3330 0.3857 -0.0235 0.0602  0.0481  29  GLU A OE1 
231 O OE1 B GLU A 29 ? 0.3863 0.4032 0.3701 -0.0751 -0.0319 -0.0770 29  GLU A OE1 
232 O OE2 A GLU A 29 ? 0.4513 0.3596 0.4116 -0.0562 0.1105  -0.1332 29  GLU A OE2 
233 O OE2 B GLU A 29 ? 0.4454 0.2696 0.5228 -0.0602 0.0903  -0.0406 29  GLU A OE2 
234 N N   . TYR A 30 ? 0.1467 0.1430 0.1569 -0.0251 -0.0005 -0.0080 30  TYR A N   
235 C CA  . TYR A 30 ? 0.1045 0.1453 0.1346 -0.0359 -0.0123 -0.0041 30  TYR A CA  
236 C C   . TYR A 30 ? 0.1037 0.1395 0.1269 -0.0295 -0.0238 -0.0043 30  TYR A C   
237 O O   . TYR A 30 ? 0.1552 0.1427 0.1508 -0.0249 -0.0005 -0.0140 30  TYR A O   
238 C CB  . TYR A 30 ? 0.1413 0.1591 0.1316 -0.0233 -0.0133 0.0008  30  TYR A CB  
239 C CG  . TYR A 30 ? 0.1436 0.1315 0.1363 -0.0284 -0.0095 -0.0012 30  TYR A CG  
240 C CD1 . TYR A 30 ? 0.2067 0.1333 0.1646 -0.0192 0.0038  -0.0159 30  TYR A CD1 
241 C CD2 . TYR A 30 ? 0.1611 0.1343 0.1501 -0.0226 -0.0085 0.0187  30  TYR A CD2 
242 C CE1 . TYR A 30 ? 0.2414 0.1614 0.1670 -0.0182 0.0088  -0.0224 30  TYR A CE1 
243 C CE2 . TYR A 30 ? 0.1505 0.1484 0.1632 -0.0042 0.0038  0.0272  30  TYR A CE2 
244 C CZ  . TYR A 30 ? 0.2219 0.1932 0.1618 -0.0201 0.0141  -0.0034 30  TYR A CZ  
245 O OH  . TYR A 30 ? 0.3788 0.2431 0.1690 0.0009  0.0664  0.0096  30  TYR A OH  
246 N N   . CYS A 31 ? 0.1154 0.1476 0.1549 -0.0267 0.0016  0.0139  31  CYS A N   
247 C CA  . CYS A 31 ? 0.1241 0.1722 0.1558 -0.0274 0.0041  0.0147  31  CYS A CA  
248 C C   . CYS A 31 ? 0.1309 0.1645 0.1576 -0.0373 0.0009  0.0177  31  CYS A C   
249 O O   . CYS A 31 ? 0.1816 0.1884 0.1702 -0.0056 0.0234  0.0364  31  CYS A O   
250 C CB  . CYS A 31 ? 0.1181 0.1964 0.1696 -0.0132 -0.0057 0.0234  31  CYS A CB  
251 S SG  . CYS A 31 ? 0.1517 0.2052 0.1818 -0.0236 -0.0181 0.0336  31  CYS A SG  
252 N N   . SER A 32 ? 0.1239 0.1786 0.1712 -0.0316 0.0115  0.0266  32  SER A N   
253 C CA  . SER A 32 ? 0.1598 0.2051 0.1891 -0.0112 -0.0031 0.0451  32  SER A CA  
254 C C   . SER A 32 ? 0.1815 0.1886 0.1806 -0.0004 -0.0049 0.0333  32  SER A C   
255 O O   . SER A 32 ? 0.1879 0.1810 0.1671 -0.0202 -0.0124 0.0340  32  SER A O   
256 C CB  . SER A 32 ? 0.2146 0.1926 0.2052 -0.0236 -0.0305 0.0396  32  SER A CB  
257 O OG  . SER A 32 ? 0.3469 0.2259 0.2627 -0.0209 -0.0133 0.0890  32  SER A OG  
258 N N   . PRO A 33 ? 0.2066 0.2622 0.1912 -0.0255 0.0137  0.0178  33  PRO A N   
259 C CA  . PRO A 33 ? 0.2365 0.2764 0.1844 -0.0372 0.0089  -0.0012 33  PRO A CA  
260 C C   . PRO A 33 ? 0.2428 0.2777 0.1958 -0.0268 -0.0153 0.0600  33  PRO A C   
261 O O   . PRO A 33 ? 0.2624 0.3188 0.2139 -0.0531 -0.0441 0.0820  33  PRO A O   
262 C CB  . PRO A 33 ? 0.2721 0.3495 0.1924 -0.0534 0.0164  0.0174  33  PRO A CB  
263 C CG  A PRO A 33 ? 0.2579 0.3396 0.2166 -0.0293 0.0449  0.0011  33  PRO A CG  
264 C CG  B PRO A 33 ? 0.2520 0.3233 0.2018 -0.0374 0.0369  0.0188  33  PRO A CG  
265 C CD  A PRO A 33 ? 0.2177 0.3262 0.2089 -0.0328 0.0280  0.0126  33  PRO A CD  
266 C CD  B PRO A 33 ? 0.2196 0.3190 0.2062 -0.0352 0.0289  0.0121  33  PRO A CD  
267 N N   . ASP A 34 ? 0.2084 0.2586 0.2255 -0.0269 -0.0046 0.0845  34  ASP A N   
268 C CA  . ASP A 34 ? 0.2580 0.2747 0.3001 0.0042  0.0011  0.0941  34  ASP A CA  
269 C C   . ASP A 34 ? 0.2288 0.2095 0.2886 0.0263  -0.0052 0.0641  34  ASP A C   
270 O O   . ASP A 34 ? 0.2299 0.2946 0.3698 0.0240  -0.0309 0.1314  34  ASP A O   
271 C CB  . ASP A 34 ? 0.2924 0.2644 0.3763 -0.0070 0.0490  0.0979  34  ASP A CB  
272 C CG  . ASP A 34 ? 0.3319 0.3632 0.4166 -0.0555 0.0695  0.1184  34  ASP A CG  
273 O OD1 . ASP A 34 ? 0.5066 0.5540 0.3828 -0.0326 0.0608  0.1632  34  ASP A OD1 
274 O OD2 . ASP A 34 ? 0.3441 0.4836 0.6439 -0.1205 0.0921  0.1084  34  ASP A OD2 
275 N N   . HIS A 35 ? 0.1731 0.1703 0.2580 -0.0143 -0.0250 0.0296  35  HIS A N   
276 C CA  . HIS A 35 ? 0.1733 0.1627 0.2466 0.0118  0.0001  0.0094  35  HIS A CA  
277 C C   . HIS A 35 ? 0.1445 0.1512 0.1918 0.0267  -0.0022 0.0257  35  HIS A C   
278 O O   . HIS A 35 ? 0.1547 0.1869 0.1549 -0.0075 -0.0166 0.0167  35  HIS A O   
279 C CB  . HIS A 35 ? 0.2408 0.1867 0.2439 -0.0021 -0.0076 -0.0143 35  HIS A CB  
280 C CG  . HIS A 35 ? 0.3118 0.1977 0.3325 0.0031  -0.0144 -0.0481 35  HIS A CG  
281 N ND1 . HIS A 35 ? 0.3401 0.1917 0.4549 0.0203  0.0039  -0.0509 35  HIS A ND1 
282 C CD2 . HIS A 35 ? 0.3328 0.1990 0.3879 0.0019  -0.0391 -0.0920 35  HIS A CD2 
283 C CE1 . HIS A 35 ? 0.3620 0.2154 0.4667 0.0110  0.0157  -0.0892 35  HIS A CE1 
284 N NE2 . HIS A 35 ? 0.3596 0.1958 0.4783 0.0153  -0.0276 -0.0745 35  HIS A NE2 
285 N N   . ASN A 36 ? 0.1474 0.1515 0.1754 0.0101  -0.0093 0.0460  36  ASN A N   
286 C CA  . ASN A 36 ? 0.1423 0.1545 0.1592 0.0066  0.0006  0.0408  36  ASN A CA  
287 C C   . ASN A 36 ? 0.1329 0.1425 0.1181 -0.0097 -0.0025 0.0257  36  ASN A C   
288 O O   . ASN A 36 ? 0.1063 0.1318 0.1695 -0.0063 0.0019  0.0143  36  ASN A O   
289 C CB  . ASN A 36 ? 0.1460 0.1848 0.1746 0.0022  -0.0208 0.0332  36  ASN A CB  
290 C CG  . ASN A 36 ? 0.1363 0.2183 0.1749 -0.0050 -0.0221 0.0481  36  ASN A CG  
291 O OD1 . ASN A 36 ? 0.2121 0.2686 0.1794 -0.0229 -0.0083 0.0846  36  ASN A OD1 
292 N ND2 . ASN A 36 ? 0.2011 0.2036 0.2258 0.0390  -0.0379 0.0209  36  ASN A ND2 
293 N N   . CYS A 37 ? 0.1261 0.1372 0.1362 -0.0149 -0.0043 0.0181  37  CYS A N   
294 C CA  . CYS A 37 ? 0.1213 0.1387 0.1149 -0.0148 0.0074  0.0182  37  CYS A CA  
295 C C   . CYS A 37 ? 0.1210 0.1451 0.1149 -0.0036 -0.0052 0.0075  37  CYS A C   
296 O O   . CYS A 37 ? 0.1678 0.2045 0.1157 -0.0105 0.0027  0.0054  37  CYS A O   
297 C CB  . CYS A 37 ? 0.1245 0.1443 0.1476 -0.0173 -0.0066 0.0203  37  CYS A CB  
298 S SG  . CYS A 37 ? 0.1202 0.1644 0.1400 -0.0050 0.0078  0.0194  37  CYS A SG  
299 N N   . GLN A 38 ? 0.1221 0.1374 0.1262 -0.0082 -0.0057 0.0003  38  GLN A N   
300 C CA  . GLN A 38 ? 0.1355 0.1453 0.1153 -0.0168 -0.0129 -0.0117 38  GLN A CA  
301 C C   . GLN A 38 ? 0.1629 0.1616 0.1168 -0.0060 0.0097  -0.0202 38  GLN A C   
302 O O   . GLN A 38 ? 0.2093 0.2116 0.1422 0.0121  0.0096  -0.0577 38  GLN A O   
303 C CB  . GLN A 38 ? 0.1456 0.1346 0.1102 -0.0080 -0.0094 -0.0120 38  GLN A CB  
304 C CG  . GLN A 38 ? 0.1483 0.1596 0.1634 -0.0115 0.0147  -0.0071 38  GLN A CG  
305 C CD  . GLN A 38 ? 0.1439 0.1466 0.1352 -0.0053 0.0131  -0.0246 38  GLN A CD  
306 O OE1 . GLN A 38 ? 0.1864 0.1616 0.1622 -0.0236 0.0109  -0.0349 38  GLN A OE1 
307 N NE2 . GLN A 38 ? 0.1482 0.1563 0.1330 -0.0036 0.0100  -0.0231 38  GLN A NE2 
308 N N   . SER A 39 ? 0.1409 0.1880 0.1278 0.0123  0.0076  -0.0205 39  SER A N   
309 C CA  . SER A 39 ? 0.1615 0.1890 0.1014 0.0185  0.0404  -0.0248 39  SER A CA  
310 C C   . SER A 39 ? 0.1412 0.2097 0.1552 0.0200  0.0207  -0.0278 39  SER A C   
311 O O   . SER A 39 ? 0.1507 0.1889 0.1259 -0.0070 0.0250  -0.0103 39  SER A O   
312 C CB  . SER A 39 ? 0.1807 0.1851 0.1673 0.0186  0.0438  -0.0214 39  SER A CB  
313 O OG  . SER A 39 ? 0.2027 0.1677 0.1390 0.0038  -0.0104 0.0003  39  SER A OG  
314 N N   . ASN A 40 ? 0.1554 0.2197 0.1762 0.0422  0.0320  -0.0087 40  ASN A N   
315 C CA  . ASN A 40 ? 0.1440 0.2456 0.1512 0.0330  0.0483  -0.0161 40  ASN A CA  
316 C C   . ASN A 40 ? 0.1294 0.2462 0.1617 0.0227  0.0319  0.0033  40  ASN A C   
317 O O   . ASN A 40 ? 0.2004 0.2356 0.2042 0.0464  -0.0139 -0.0149 40  ASN A O   
318 C CB  . ASN A 40 ? 0.1800 0.2582 0.1920 0.0335  0.0102  0.0184  40  ASN A CB  
319 C CG  . ASN A 40 ? 0.2379 0.2859 0.2724 0.0732  0.0170  0.0274  40  ASN A CG  
320 O OD1 . ASN A 40 ? 0.3807 0.2713 0.3895 0.0603  0.0375  0.0695  40  ASN A OD1 
321 N ND2 . ASN A 40 ? 0.2571 0.3754 0.3547 0.0959  0.0517  -0.0665 40  ASN A ND2 
322 N N   . CYS A 41 ? 0.1691 0.2561 0.1676 0.0058  0.0270  0.0170  41  CYS A N   
323 C CA  . CYS A 41 ? 0.1536 0.2503 0.1820 -0.0102 0.0201  0.0327  41  CYS A CA  
324 C C   . CYS A 41 ? 0.1535 0.2833 0.2841 -0.0160 0.0423  0.0323  41  CYS A C   
325 O O   . CYS A 41 ? 0.1864 0.2773 0.3072 -0.0016 0.0887  0.0823  41  CYS A O   
326 C CB  . CYS A 41 ? 0.1669 0.2654 0.1416 -0.0215 0.0371  0.0594  41  CYS A CB  
327 S SG  . CYS A 41 ? 0.1561 0.2052 0.1683 -0.0012 0.0215  0.0105  41  CYS A SG  
328 N N   . LYS A 42 ? 0.1551 0.2946 0.3300 -0.0453 0.0422  -0.0055 42  LYS A N   
329 C CA  . LYS A 42 ? 0.2217 0.3615 0.3933 -0.1175 0.0399  0.0009  42  LYS A CA  
330 C C   . LYS A 42 ? 0.4260 0.5007 0.3835 -0.1737 0.0597  0.0953  42  LYS A C   
331 O O   . LYS A 42 ? 0.4844 0.5698 0.4377 -0.1430 -0.0453 0.1440  42  LYS A O   
332 C CB  . LYS A 42 ? 0.2189 0.3343 0.4101 -0.1080 0.0249  -0.0018 42  LYS A CB  
333 C CG  . LYS A 42 ? 0.2570 0.3878 0.4025 -0.0725 0.0237  -0.0044 42  LYS A CG  
334 C CD  . LYS A 42 ? 0.2796 0.4442 0.4210 -0.1068 0.0134  -0.0419 42  LYS A CD  
335 C CE  . LYS A 42 ? 0.3833 0.4863 0.4049 -0.0907 0.0260  -0.0373 42  LYS A CE  
336 N NZ  . LYS A 42 ? 0.3768 0.5754 0.4066 -0.1456 0.0544  -0.0796 42  LYS A NZ  
337 N N   . ASP A 43 ? 0.6046 0.4844 0.5105 -0.1777 0.0527  0.1220  43  ASP A N   
338 C CA  . ASP A 43 ? 0.7681 0.4937 0.5210 -0.1361 0.0665  0.1367  43  ASP A CA  
339 C C   . ASP A 43 ? 0.8313 0.4700 0.5991 -0.1334 0.0554  0.1386  43  ASP A C   
340 O O   . ASP A 43 ? 0.9209 0.5662 0.6463 -0.1824 0.0642  0.0497  43  ASP A O   
341 C CB  . ASP A 43 ? 0.7960 0.5295 0.5131 -0.1126 0.0545  0.1294  43  ASP A CB  
342 C CG  . ASP A 43 ? 0.7995 0.5630 0.5177 -0.1034 0.0488  0.0986  43  ASP A CG  
343 O OD1 . ASP A 43 ? 0.7895 0.6475 0.6576 -0.1550 -0.0657 0.0867  43  ASP A OD1 
344 O OD2 . ASP A 43 ? 0.8798 0.5579 0.5056 -0.0457 0.0694  0.0084  43  ASP A OD2 
345 O OXT . ASP A 43 ? 0.8155 0.5772 0.6485 -0.1895 0.1606  0.1545  43  ASP A OXT 
346 C C1  A MPD B .  ? 0.2439 0.4326 0.1900 0.0582  -0.0128 0.0652  101 MPD A C1  
347 C C1  B MPD B .  ? 0.3234 0.4779 0.4909 0.0735  0.0137  -0.0115 101 MPD A C1  
348 C C2  A MPD B .  ? 0.2700 0.4738 0.4100 0.0733  0.0234  0.0072  101 MPD A C2  
349 C C2  B MPD B .  ? 0.2882 0.4784 0.4628 0.0626  0.0196  0.0132  101 MPD A C2  
350 O O2  A MPD B .  ? 0.2873 0.4808 0.3577 -0.0044 0.0932  -0.0879 101 MPD A O2  
351 O O2  B MPD B .  ? 0.3770 0.4559 0.4497 0.0891  -0.0050 -0.0172 101 MPD A O2  
352 C CM  A MPD B .  ? 0.2023 0.5089 0.4760 0.0889  0.0067  0.0006  101 MPD A CM  
353 C CM  B MPD B .  ? 0.3157 0.5130 0.4837 0.0340  0.0239  0.0277  101 MPD A CM  
354 C C3  A MPD B .  ? 0.2874 0.4660 0.4446 0.0777  0.0313  0.0054  101 MPD A C3  
355 C C3  B MPD B .  ? 0.2842 0.4672 0.4375 0.0752  0.0221  0.0168  101 MPD A C3  
356 C C4  A MPD B .  ? 0.2927 0.4727 0.4607 0.0682  0.0164  0.0206  101 MPD A C4  
357 C C4  B MPD B .  ? 0.2779 0.4740 0.4397 0.0725  0.0260  0.0142  101 MPD A C4  
358 O O4  A MPD B .  ? 0.3196 0.4939 0.5016 0.0793  0.0127  0.0579  101 MPD A O4  
359 O O4  B MPD B .  ? 0.3173 0.4942 0.4220 0.0545  0.0252  0.0433  101 MPD A O4  
360 C C5  A MPD B .  ? 0.2680 0.4660 0.4967 0.0905  0.0300  -0.0139 101 MPD A C5  
361 C C5  B MPD B .  ? 0.2893 0.5242 0.4293 0.0494  0.0278  0.0295  101 MPD A C5  
362 C C1  A MPD C .  ? 0.5891 0.5030 0.4006 0.0211  0.0456  0.0085  102 MPD A C1  
363 C C1  B MPD C .  ? 0.6474 0.5081 0.3938 0.0469  0.0373  -0.0091 102 MPD A C1  
364 C C2  A MPD C .  ? 0.5741 0.5441 0.4169 0.0029  0.0868  -0.0171 102 MPD A C2  
365 C C2  B MPD C .  ? 0.6053 0.5093 0.3863 0.0327  0.0862  -0.0231 102 MPD A C2  
366 O O2  A MPD C .  ? 0.5843 0.5269 0.4767 -0.0083 0.0841  -0.0190 102 MPD A O2  
367 O O2  B MPD C .  ? 0.6222 0.5392 0.3652 0.0583  0.0974  0.0016  102 MPD A O2  
368 C CM  A MPD C .  ? 0.5833 0.5422 0.3927 0.0117  0.0942  -0.0248 102 MPD A CM  
369 C CM  B MPD C .  ? 0.6130 0.5335 0.3769 0.0207  0.0901  -0.0277 102 MPD A CM  
370 C C3  A MPD C .  ? 0.5892 0.5528 0.4149 0.0210  0.0812  -0.0191 102 MPD A C3  
371 C C3  B MPD C .  ? 0.5940 0.5185 0.3808 0.0082  0.0807  -0.0306 102 MPD A C3  
372 C C4  A MPD C .  ? 0.6004 0.5280 0.3879 0.0270  0.0877  -0.0236 102 MPD A C4  
373 C C4  B MPD C .  ? 0.5850 0.5273 0.3986 0.0173  0.0769  -0.0211 102 MPD A C4  
374 O O4  A MPD C .  ? 0.5875 0.4940 0.3552 0.0378  0.1193  -0.0419 102 MPD A O4  
375 O O4  B MPD C .  ? 0.5994 0.5426 0.3567 -0.0034 0.0722  -0.0066 102 MPD A O4  
376 C C5  A MPD C .  ? 0.5916 0.5221 0.4303 0.0570  0.0924  -0.0078 102 MPD A C5  
377 C C5  B MPD C .  ? 0.5900 0.5408 0.3918 0.0334  0.0531  -0.0101 102 MPD A C5  
378 O O   . HOH D .  ? 0.1685 0.1408 0.1720 -0.0178 -0.0093 0.0355  201 HOH A O   
379 O O   . HOH D .  ? 0.2013 0.2013 0.1728 0.0241  0.0024  -0.0340 202 HOH A O   
380 O O   . HOH D .  ? 0.2162 0.2219 0.2212 0.0365  -0.0160 0.0265  203 HOH A O   
381 O O   . HOH D .  ? 0.2247 0.2016 0.1995 -0.0172 0.0116  -0.0651 204 HOH A O   
382 O O   . HOH D .  ? 0.1912 0.2663 0.2496 -0.0021 -0.0090 -0.0053 205 HOH A O   
383 O O   . HOH D .  ? 0.1604 0.3112 0.1676 -0.0203 -0.0203 -0.0392 206 HOH A O   
384 O O   . HOH D .  ? 0.2496 0.3869 0.3029 0.0547  0.0478  0.1025  207 HOH A O   
385 O O   . HOH D .  ? 0.3227 0.2770 0.3445 -0.0269 0.0398  -0.0415 208 HOH A O   
386 O O   . HOH D .  ? 0.2018 0.3738 0.2728 -0.0024 -0.0008 0.0510  209 HOH A O   
387 O O   . HOH D .  ? 0.4418 0.5739 0.4670 -0.0319 0.0504  -0.0288 210 HOH A O   
388 O O   . HOH D .  ? 0.3024 0.4580 0.5199 0.0371  -0.0563 -0.0679 211 HOH A O   
389 O O   . HOH D .  ? 0.4135 0.3573 0.3897 -0.0064 0.0722  -0.0815 212 HOH A O   
390 O O   . HOH D .  ? 0.5798 0.3537 0.3987 -0.0499 0.0528  0.0463  213 HOH A O   
391 O O   . HOH D .  ? 0.4571 0.3497 0.5140 0.1082  -0.0211 -0.0178 214 HOH A O   
392 O O   . HOH D .  ? 0.5201 0.6744 0.5824 0.0448  -0.0005 -0.0192 215 HOH A O   
393 O O   . HOH D .  ? 0.7160 0.3813 0.4896 0.0292  -0.0036 -0.0101 216 HOH A O   
394 O O   . HOH D .  ? 0.2867 0.2986 0.5020 0.0220  0.0582  -0.0732 217 HOH A O   
395 O O   . HOH D .  ? 0.5044 0.3887 0.4842 -0.0158 0.1551  -0.0022 218 HOH A O   
396 O O   . HOH D .  ? 0.5356 0.4060 0.5673 0.0211  -0.0370 0.1569  219 HOH A O   
397 O O   . HOH D .  ? 0.3742 0.2432 0.2610 0.0344  0.0476  -0.0160 220 HOH A O   
398 O O   . HOH D .  ? 0.6903 0.4172 0.5973 0.1270  0.0285  -0.0020 221 HOH A O   
399 O O   . HOH D .  ? 0.2846 0.2866 0.3789 0.0226  -0.0026 0.0285  222 HOH A O   
400 O O   . HOH D .  ? 0.5720 0.4139 0.6025 0.0408  -0.1157 -0.0493 223 HOH A O   
401 O O   . HOH D .  ? 0.4169 0.6344 0.5943 -0.0320 -0.0824 -0.0376 224 HOH A O   
402 O O   . HOH D .  ? 0.4762 0.3339 0.4979 0.0296  -0.0087 -0.0674 225 HOH A O   
403 O O   . HOH D .  ? 0.4366 0.4501 0.5680 0.0869  -0.1125 -0.0025 226 HOH A O   
404 O O   . HOH D .  ? 0.3719 0.7216 0.4507 -0.0445 -0.0674 0.0295  227 HOH A O   
405 O O   . HOH D .  ? 0.3246 0.6565 0.6946 -0.0174 -0.0996 0.0025  228 HOH A O   
406 O O   . HOH D .  ? 0.3953 0.6886 0.6445 0.0516  -0.1062 0.0272  229 HOH A O   
407 O O   . HOH D .  ? 0.5839 0.4975 0.4054 -0.0163 0.0007  -0.0178 230 HOH A O   
408 O O   . HOH D .  ? 0.7422 0.2683 0.5563 0.1075  0.0569  -0.0186 231 HOH A O   
409 O O   . HOH D .  ? 0.2311 0.3570 0.3163 0.0235  -0.0444 -0.0891 232 HOH A O   
410 O O   . HOH D .  ? 0.4013 0.5210 0.5644 -0.0378 -0.0128 -0.1057 233 HOH A O   
411 O O   . HOH D .  ? 0.3681 0.4085 0.4435 -0.0637 0.0585  -0.0264 234 HOH A O   
412 O O   . HOH D .  ? 0.7919 0.4788 0.4721 0.0354  -0.0023 -0.0123 235 HOH A O   
413 O O   . HOH D .  ? 0.5429 0.6177 0.6856 -0.0829 -0.0330 -0.0885 236 HOH A O   
414 O O   . HOH D .  ? 0.4693 0.3529 0.3882 -0.0639 -0.0196 -0.0600 237 HOH A O   
415 O O   . HOH D .  ? 0.5783 0.4298 0.5289 0.1179  -0.1044 0.0223  238 HOH A O   
416 O O   . HOH D .  ? 0.2709 0.5878 0.6038 0.0664  0.0575  0.0299  239 HOH A O   
# 
